data_1C0A
#
_entry.id   1C0A
#
_cell.length_a   101.200
_cell.length_b   101.200
_cell.length_c   231.810
_cell.angle_alpha   90.00
_cell.angle_beta   90.00
_cell.angle_gamma   90.00
#
_symmetry.space_group_name_H-M   'P 43 21 2'
#
loop_
_entity.id
_entity.type
_entity.pdbx_description
1 polymer 'ASPARTYL TRNA'
2 polymer 'ASPARTYL TRNA SYNTHETASE'
3 non-polymer 'SULFATE ION'
4 non-polymer 'ADENOSINE MONOPHOSPHATE'
5 non-polymer "ASPARTYL-ADENOSINE-5'-MONOPHOSPHATE"
6 water water
#
loop_
_entity_poly.entity_id
_entity_poly.type
_entity_poly.pdbx_seq_one_letter_code
_entity_poly.pdbx_strand_id
1 'polyribonucleotide'
;GGAGCGG(4SU)AGUUCAG(H2U)CGG(H2U)(H2U)AGAAUACCUGCCU(QUO)UCACGCAGGGG(G7M)UCGCGGG
(5MU)(PSU)CGAGUCCCG(PSU)CCGUUCCGCCA
;
B
2 'polypeptide(L)'
;MRTEYCGQLRLSHVGQQVTLCGWVNRRRDLGSLIFIDMRDREGIVQVFFDPDRADALKLASELRNEFCIQVTGTVRARDE
KNINRDMATGEIEVLASSLTIINRADVLPLDSNHVNTEEARLKYRYLDLRRPEMAQRLKTRAKITSLVRRFMDDHGFLDI
ETPMLTKATPEGARDYLVPSRVHKGKFYALPQSPQLFKQLLMMSGFDRYYQIVKCFRDEDLRADRQPEFTQIDVETSFMT
APQVREVMEALVRHLWLEVKGVDLGDFPVMTFAEAERRYGSDKPDLRNPMELTDVADLLKSVEFAVFAGPANDPKGRVAA
LRVPGGASLTRKQIDEYGNFVKIYGAKGLAYIKVNERAKGLEGINSPVAKFLNAEIIEDILDRTAAQDGDMIFFGADNKK
IVADAMGALRLKVGKDLGLTDESKWAPLWVIDFPMFEDDGEGGLTAMHHPFTSPKDMTAAELKAAPENAVANAYDMVING
YEVGGGSVRIHNGDMQQTVFGILGINEEEQREKFGFLLDALKYGTPPHAGLAFGLDRLTMLLTGTDNIRDVIAFPKTTAA
ACLMTEAPSFANPTALAELSIQVVK
;
A
#
loop_
_chem_comp.id
_chem_comp.type
_chem_comp.name
_chem_comp.formula
4SU RNA linking 4-THIOURIDINE-5'-MONOPHOSPHATE 'C9 H13 N2 O8 P S'
5MU RNA linking '5-METHYLURIDINE 5'-MONOPHOSPHATE' 'C10 H15 N2 O9 P'
A RNA linking ADENOSINE-5'-MONOPHOSPHATE 'C10 H14 N5 O7 P'
AMO non-polymer ASPARTYL-ADENOSINE-5'-MONOPHOSPHATE 'C14 H19 N6 O10 P'
AMP non-polymer 'ADENOSINE MONOPHOSPHATE' 'C10 H14 N5 O7 P'
C RNA linking CYTIDINE-5'-MONOPHOSPHATE 'C9 H14 N3 O8 P'
G RNA linking GUANOSINE-5'-MONOPHOSPHATE 'C10 H14 N5 O8 P'
G7M RNA linking N7-METHYL-GUANOSINE-5'-MONOPHOSPHATE 'C11 H17 N5 O8 P 1'
H2U RNA linking 5,6-DIHYDROURIDINE-5'-MONOPHOSPHATE 'C9 H15 N2 O9 P'
PSU RNA linking PSEUDOURIDINE-5'-MONOPHOSPHATE 'C9 H13 N2 O9 P'
QUO RNA linking 2-AMINO-7-DEAZA-(2'',3''-DIHYDROXY-CYCLOPENTYLAMINO)-GUANOSINE-5'-MONOPHOSPHATE 'C17 H26 N5 O10 P'
SO4 non-polymer 'SULFATE ION' 'O4 S -2'
U RNA linking URIDINE-5'-MONOPHOSPHATE 'C9 H13 N2 O9 P'
#
# COMPACT_ATOMS: atom_id res chain seq x y z
N1 4SU A 8 18.29 22.09 -16.88
C2 4SU A 8 18.02 22.30 -18.21
N3 4SU A 8 17.07 21.48 -18.75
C4 4SU A 8 16.37 20.47 -18.12
C5 4SU A 8 16.71 20.31 -16.73
C6 4SU A 8 17.63 21.11 -16.18
O2 4SU A 8 18.58 23.16 -18.86
S4 4SU A 8 15.51 19.76 -18.77
C1' 4SU A 8 19.30 22.95 -16.26
C2' 4SU A 8 18.77 24.33 -15.85
O2' 4SU A 8 19.82 25.26 -16.01
C3' 4SU A 8 18.47 24.13 -14.38
C4' 4SU A 8 19.56 23.18 -13.94
O3' 4SU A 8 18.59 25.35 -13.68
O4' 4SU A 8 19.78 22.32 -15.09
C5' 4SU A 8 19.20 22.33 -12.74
O5' 4SU A 8 18.04 21.56 -13.06
P 4SU A 8 17.08 21.00 -11.93
OP1 4SU A 8 16.90 22.03 -10.88
OP2 4SU A 8 15.91 20.45 -12.63
P H2U A 16 22.88 17.27 -26.01
OP1 H2U A 16 22.63 16.34 -24.86
OP2 H2U A 16 23.86 18.37 -25.85
O5' H2U A 16 23.29 16.39 -27.27
C5' H2U A 16 22.49 15.25 -27.64
C4' H2U A 16 22.77 14.88 -29.07
O4' H2U A 16 22.12 15.81 -29.97
C3' H2U A 16 24.25 14.88 -29.43
O3' H2U A 16 24.52 13.79 -30.28
C1' H2U A 16 23.07 16.42 -30.81
C2' H2U A 16 24.45 16.20 -30.15
O2' H2U A 16 25.47 16.14 -31.13
N1 H2U A 16 22.67 17.82 -31.01
C2 H2U A 16 23.55 18.86 -30.70
O2 H2U A 16 24.78 18.75 -30.73
N3 H2U A 16 22.93 20.04 -30.34
C4 H2U A 16 21.71 20.50 -30.80
O4 H2U A 16 21.51 21.72 -30.86
C5 H2U A 16 20.73 19.48 -31.19
C6 H2U A 16 21.29 18.10 -31.47
P H2U A 20 30.56 25.72 -29.12
OP1 H2U A 20 30.70 26.04 -30.57
OP2 H2U A 20 31.77 25.47 -28.30
O5' H2U A 20 29.70 26.87 -28.43
C5' H2U A 20 29.41 26.85 -27.01
C4' H2U A 20 30.36 27.78 -26.25
O4' H2U A 20 31.63 27.13 -26.00
C3' H2U A 20 30.76 29.09 -26.92
O3' H2U A 20 29.80 30.11 -26.75
C1' H2U A 20 32.62 28.13 -25.77
C2' H2U A 20 32.03 29.49 -26.16
O2' H2U A 20 31.73 30.24 -25.01
N1 H2U A 20 33.89 27.76 -26.42
C2 H2U A 20 35.06 28.31 -25.92
O2 H2U A 20 35.12 29.41 -25.41
N3 H2U A 20 36.18 27.51 -26.06
C4 H2U A 20 36.40 26.55 -27.02
O4 H2U A 20 37.53 26.09 -27.17
C5 H2U A 20 35.23 26.14 -27.84
C6 H2U A 20 33.92 26.87 -27.59
P H2U A 21 30.05 31.55 -27.44
OP1 H2U A 21 29.36 31.53 -28.75
OP2 H2U A 21 31.49 31.88 -27.37
O5' H2U A 21 29.27 32.57 -26.48
C5' H2U A 21 29.74 32.83 -25.14
C4' H2U A 21 28.63 33.46 -24.33
O4' H2U A 21 28.29 34.74 -24.94
C3' H2U A 21 27.34 32.64 -24.30
O3' H2U A 21 26.70 32.87 -23.05
C1' H2U A 21 26.92 34.73 -25.31
C2' H2U A 21 26.50 33.27 -25.40
O2' H2U A 21 25.11 33.12 -25.21
N1 H2U A 21 26.78 35.47 -26.57
C2 H2U A 21 26.54 36.83 -26.49
O2 H2U A 21 27.07 37.55 -25.66
N3 H2U A 21 25.67 37.31 -27.43
C4 H2U A 21 25.21 36.65 -28.57
O4 H2U A 21 24.23 37.09 -29.18
C5 H2U A 21 25.94 35.41 -28.95
C6 H2U A 21 26.77 34.77 -27.87
P QUO A 35 -15.03 41.46 -25.39
OP1 QUO A 35 -13.56 41.48 -25.66
OP2 QUO A 35 -15.99 41.73 -26.49
O5' QUO A 35 -15.43 40.06 -24.73
C5' QUO A 35 -14.44 39.14 -24.27
C4' QUO A 35 -15.12 37.99 -23.59
O4' QUO A 35 -15.76 38.48 -22.37
C1' QUO A 35 -17.09 38.02 -22.35
N9 QUO A 35 -17.92 38.88 -21.51
C4 QUO A 35 -18.60 38.44 -20.39
N3 QUO A 35 -18.58 37.20 -19.87
C2 QUO A 35 -19.37 37.10 -18.79
N2 QUO A 35 -19.48 35.93 -18.17
N1 QUO A 35 -20.09 38.15 -18.27
C6 QUO A 35 -20.11 39.45 -18.78
O6 QUO A 35 -20.79 40.32 -18.24
C5 QUO A 35 -19.29 39.54 -19.94
C7 QUO A 35 -19.05 40.61 -20.74
C8 QUO A 35 -18.21 40.22 -21.66
C10 QUO A 35 -20.04 41.69 -20.85
N11 QUO A 35 -20.13 42.77 -19.87
C12 QUO A 35 -21.01 43.96 -19.79
C13 QUO A 35 -22.50 43.63 -19.78
O13 QUO A 35 -23.26 44.81 -19.98
C14 QUO A 35 -22.67 43.07 -18.37
O14 QUO A 35 -24.04 42.98 -17.97
C15 QUO A 35 -21.79 43.99 -17.51
C16 QUO A 35 -20.86 44.72 -18.46
C2' QUO A 35 -17.49 38.01 -23.83
O2' QUO A 35 -18.63 37.19 -24.01
C3' QUO A 35 -16.25 37.38 -24.42
O3' QUO A 35 -16.37 36.00 -24.14
P G7M A 47 20.57 35.63 -14.71
OP1 G7M A 47 21.76 35.98 -13.90
OP2 G7M A 47 20.73 35.69 -16.19
O5' G7M A 47 20.19 34.10 -14.45
C5' G7M A 47 19.79 33.72 -13.11
C4' G7M A 47 19.69 32.21 -13.05
O4' G7M A 47 18.78 31.79 -14.11
C3' G7M A 47 20.97 31.44 -13.31
O3' G7M A 47 21.77 31.33 -12.14
C2' G7M A 47 20.44 30.12 -13.86
O2' G7M A 47 20.14 29.22 -12.82
C1' G7M A 47 19.24 30.57 -14.69
N9 G7M A 47 19.50 30.85 -16.11
C8 G7M A 47 20.18 31.92 -16.68
N7 G7M A 47 20.21 31.88 -17.99
CN7 G7M A 47 20.72 32.94 -18.91
C5 G7M A 47 19.53 30.72 -18.30
C6 G7M A 47 19.24 30.16 -19.58
O6 G7M A 47 19.53 30.57 -20.70
N1 G7M A 47 18.52 28.96 -19.45
C2 G7M A 47 18.13 28.39 -18.25
N2 G7M A 47 17.46 27.25 -18.35
N3 G7M A 47 18.40 28.92 -17.06
C4 G7M A 47 19.10 30.08 -17.18
N1 5MU A 55 39.40 16.57 -17.27
C2 5MU A 55 38.34 16.78 -18.12
N3 5MU A 55 37.74 18.00 -17.99
C4 5MU A 55 38.08 19.01 -17.11
C5 5MU A 55 39.21 18.72 -16.24
C5M 5MU A 55 39.65 19.76 -15.26
C6 5MU A 55 39.80 17.52 -16.37
O2 5MU A 55 37.97 15.94 -18.94
O4 5MU A 55 37.44 20.06 -17.08
C1' 5MU A 55 40.12 15.27 -17.37
C2' 5MU A 55 41.22 15.35 -18.43
O2' 5MU A 55 41.41 14.08 -19.04
C3' 5MU A 55 42.42 15.78 -17.59
C4' 5MU A 55 42.19 15.03 -16.28
O3' 5MU A 55 43.66 15.49 -18.18
O4' 5MU A 55 40.75 15.03 -16.12
C5' 5MU A 55 42.85 15.64 -15.08
O5' 5MU A 55 42.57 17.04 -15.03
P 5MU A 55 43.25 17.96 -13.93
OP1 5MU A 55 44.71 17.70 -13.99
OP2 5MU A 55 42.75 19.36 -14.08
N1 PSU A 56 40.77 20.59 -18.46
C2 PSU A 56 39.78 21.52 -18.59
N3 PSU A 56 38.93 21.31 -19.66
C4 PSU A 56 39.04 20.29 -20.57
C5 PSU A 56 40.16 19.41 -20.33
C6 PSU A 56 40.92 19.65 -19.26
O2 PSU A 56 39.68 22.49 -17.85
O4 PSU A 56 38.21 20.18 -21.48
C1' PSU A 56 40.59 18.48 -21.39
C2' PSU A 56 41.43 19.09 -22.52
O2' PSU A 56 40.84 18.82 -23.79
C3' PSU A 56 42.76 18.38 -22.33
C4' PSU A 56 42.31 16.97 -21.93
O3' PSU A 56 43.60 18.35 -23.50
O4' PSU A 56 41.07 17.16 -21.20
C5' PSU A 56 43.31 16.28 -21.05
O5' PSU A 56 43.76 17.20 -20.03
P PSU A 56 44.56 16.69 -18.75
OP1 PSU A 56 45.85 16.10 -19.22
OP2 PSU A 56 44.56 17.82 -17.78
N1 PSU A 66 28.80 11.91 -5.45
C2 PSU A 66 27.93 12.63 -6.25
N3 PSU A 66 27.53 13.83 -5.73
C4 PSU A 66 27.93 14.35 -4.53
C5 PSU A 66 28.84 13.50 -3.80
C6 PSU A 66 29.20 12.33 -4.35
O2 PSU A 66 27.54 12.23 -7.34
O4 PSU A 66 27.51 15.45 -4.17
C1' PSU A 66 29.26 13.88 -2.45
C2' PSU A 66 28.19 13.84 -1.37
O2' PSU A 66 28.30 14.97 -0.55
C3' PSU A 66 28.62 12.58 -0.62
C4' PSU A 66 30.13 12.74 -0.60
O3' PSU A 66 28.05 12.51 0.67
O4' PSU A 66 30.45 13.44 -1.82
C5' PSU A 66 30.89 11.43 -0.55
O5' PSU A 66 30.40 10.56 -1.58
P PSU A 66 31.14 9.20 -1.90
OP1 PSU A 66 31.26 8.44 -0.63
OP2 PSU A 66 30.46 8.57 -3.06
N MET B 1 -16.38 34.83 7.71
CA MET B 1 -15.99 35.74 6.60
C MET B 1 -16.55 35.34 5.25
N ARG B 2 -17.30 34.25 5.20
CA ARG B 2 -17.91 33.84 3.94
C ARG B 2 -19.35 33.44 4.21
N THR B 3 -20.20 33.52 3.18
CA THR B 3 -21.61 33.14 3.34
C THR B 3 -21.86 31.93 2.45
N GLU B 4 -20.93 31.71 1.52
CA GLU B 4 -21.02 30.58 0.60
C GLU B 4 -19.63 30.14 0.17
N TYR B 5 -19.52 28.88 -0.21
CA TYR B 5 -18.25 28.40 -0.72
C TYR B 5 -18.33 28.55 -2.23
N CYS B 6 -17.29 29.16 -2.82
CA CYS B 6 -17.24 29.38 -4.25
C CYS B 6 -17.84 28.23 -5.04
N GLY B 7 -17.21 27.06 -4.91
CA GLY B 7 -17.64 25.89 -5.65
C GLY B 7 -19.06 25.41 -5.54
N GLN B 8 -19.86 26.01 -4.68
CA GLN B 8 -21.23 25.54 -4.55
C GLN B 8 -22.26 26.44 -5.18
N LEU B 9 -21.82 27.60 -5.67
CA LEU B 9 -22.74 28.54 -6.29
C LEU B 9 -23.35 27.94 -7.56
N ARG B 10 -24.68 28.03 -7.66
CA ARG B 10 -25.43 27.52 -8.80
C ARG B 10 -26.49 28.53 -9.25
N LEU B 11 -27.22 28.19 -10.32
CA LEU B 11 -28.27 29.07 -10.80
C LEU B 11 -29.21 29.35 -9.63
N SER B 12 -29.48 28.32 -8.84
CA SER B 12 -30.37 28.47 -7.68
C SER B 12 -29.96 29.60 -6.74
N HIS B 13 -28.73 30.11 -6.90
CA HIS B 13 -28.26 31.19 -6.03
C HIS B 13 -28.39 32.53 -6.72
N VAL B 14 -28.77 32.50 -8.00
CA VAL B 14 -28.88 33.73 -8.78
C VAL B 14 -29.71 34.81 -8.10
N GLY B 15 -29.15 36.03 -8.09
CA GLY B 15 -29.81 37.17 -7.48
C GLY B 15 -29.37 37.44 -6.05
N GLN B 16 -28.64 36.50 -5.47
CA GLN B 16 -28.17 36.64 -4.10
C GLN B 16 -26.83 37.34 -3.95
N GLN B 17 -26.66 38.01 -2.81
CA GLN B 17 -25.40 38.66 -2.52
C GLN B 17 -24.68 37.61 -1.67
N VAL B 18 -23.41 37.37 -1.98
CA VAL B 18 -22.66 36.38 -1.23
C VAL B 18 -21.29 36.94 -0.99
N THR B 19 -20.61 36.40 0.01
CA THR B 19 -19.24 36.82 0.28
C THR B 19 -18.44 35.55 0.21
N LEU B 20 -17.37 35.58 -0.57
CA LEU B 20 -16.56 34.41 -0.77
C LEU B 20 -15.14 34.60 -0.27
N CYS B 21 -14.58 33.52 0.28
CA CYS B 21 -13.21 33.52 0.77
C CYS B 21 -12.47 32.40 0.07
N GLY B 22 -11.30 32.71 -0.46
CA GLY B 22 -10.54 31.70 -1.15
C GLY B 22 -9.29 32.21 -1.82
N TRP B 23 -8.90 31.55 -2.90
CA TRP B 23 -7.70 31.93 -3.60
C TRP B 23 -7.95 32.14 -5.07
N VAL B 24 -7.07 32.94 -5.65
CA VAL B 24 -7.11 33.24 -7.07
C VAL B 24 -6.53 32.00 -7.77
N ASN B 25 -7.40 31.20 -8.37
CA ASN B 25 -6.91 30.03 -9.08
C ASN B 25 -6.27 30.53 -10.36
N ARG B 26 -7.03 31.36 -11.07
CA ARG B 26 -6.56 31.94 -12.32
C ARG B 26 -7.03 33.39 -12.43
N ARG B 27 -6.24 34.20 -13.11
CA ARG B 27 -6.58 35.61 -13.29
C ARG B 27 -6.48 36.05 -14.76
N ARG B 28 -7.63 36.45 -15.30
CA ARG B 28 -7.72 36.91 -16.69
C ARG B 28 -7.99 38.40 -16.82
N ASP B 29 -6.94 39.16 -17.06
CA ASP B 29 -7.08 40.61 -17.18
C ASP B 29 -7.21 41.08 -18.65
N LEU B 30 -8.46 41.34 -19.05
CA LEU B 30 -8.75 41.82 -20.41
C LEU B 30 -8.82 43.36 -20.43
N GLY B 31 -7.98 44.01 -19.63
CA GLY B 31 -7.95 45.47 -19.59
C GLY B 31 -9.06 46.16 -18.79
N SER B 32 -10.21 46.34 -19.41
CA SER B 32 -11.34 47.00 -18.77
C SER B 32 -12.32 45.96 -18.27
N LEU B 33 -11.86 44.71 -18.28
CA LEU B 33 -12.68 43.60 -17.84
C LEU B 33 -11.76 42.60 -17.19
N ILE B 34 -12.12 42.11 -16.01
CA ILE B 34 -11.26 41.12 -15.37
C ILE B 34 -12.06 39.94 -14.85
N PHE B 35 -11.57 38.75 -15.16
CA PHE B 35 -12.20 37.51 -14.71
C PHE B 35 -11.26 36.92 -13.69
N ILE B 36 -11.82 36.50 -12.56
CA ILE B 36 -11.04 35.90 -11.50
C ILE B 36 -11.71 34.60 -11.14
N ASP B 37 -11.01 33.49 -11.35
CA ASP B 37 -11.58 32.20 -10.97
C ASP B 37 -11.23 32.09 -9.50
N MET B 38 -12.24 32.18 -8.66
CA MET B 38 -12.00 32.12 -7.22
C MET B 38 -12.13 30.68 -6.77
N ARG B 39 -11.14 30.24 -6.00
CA ARG B 39 -11.13 28.88 -5.52
C ARG B 39 -11.12 28.71 -4.02
N ASP B 40 -11.80 27.67 -3.57
CA ASP B 40 -11.82 27.27 -2.17
C ASP B 40 -12.08 25.76 -2.24
N ARG B 41 -12.10 25.05 -1.13
CA ARG B 41 -12.26 23.60 -1.19
C ARG B 41 -13.49 23.04 -1.92
N GLU B 42 -14.51 23.86 -2.17
CA GLU B 42 -15.68 23.33 -2.84
C GLU B 42 -15.63 23.47 -4.35
N GLY B 43 -14.63 24.20 -4.83
CA GLY B 43 -14.48 24.38 -6.26
C GLY B 43 -14.19 25.81 -6.67
N ILE B 44 -14.25 26.05 -7.98
CA ILE B 44 -13.97 27.36 -8.56
C ILE B 44 -15.20 28.11 -9.03
N VAL B 45 -15.19 29.43 -8.83
CA VAL B 45 -16.29 30.26 -9.27
C VAL B 45 -15.73 31.49 -9.97
N GLN B 46 -16.39 31.91 -11.05
CA GLN B 46 -15.92 33.06 -11.78
C GLN B 46 -16.42 34.37 -11.16
N VAL B 47 -15.49 35.24 -10.83
CA VAL B 47 -15.86 36.52 -10.26
C VAL B 47 -15.62 37.55 -11.36
N PHE B 48 -16.64 38.37 -11.62
CA PHE B 48 -16.58 39.36 -12.69
C PHE B 48 -16.35 40.82 -12.24
N PHE B 49 -15.39 41.48 -12.89
CA PHE B 49 -15.04 42.87 -12.59
C PHE B 49 -15.25 43.86 -13.76
N ASP B 50 -16.18 44.78 -13.57
CA ASP B 50 -16.57 45.80 -14.55
C ASP B 50 -15.95 47.16 -14.30
N PRO B 51 -15.92 48.03 -15.33
CA PRO B 51 -15.36 49.36 -15.11
C PRO B 51 -16.49 50.10 -14.37
N ASP B 52 -17.59 49.37 -14.21
CA ASP B 52 -18.79 49.81 -13.52
C ASP B 52 -18.43 50.08 -12.06
N ARG B 53 -17.48 49.28 -11.55
CA ARG B 53 -16.98 49.37 -10.17
C ARG B 53 -15.47 49.58 -10.26
N ALA B 54 -15.08 50.66 -10.93
CA ALA B 54 -13.69 51.01 -11.16
C ALA B 54 -12.71 50.66 -10.05
N ASP B 55 -13.11 50.85 -8.80
CA ASP B 55 -12.23 50.54 -7.68
C ASP B 55 -11.97 49.04 -7.61
N ALA B 56 -13.05 48.26 -7.57
CA ALA B 56 -12.90 46.82 -7.51
C ALA B 56 -12.06 46.37 -8.71
N LEU B 57 -12.43 46.82 -9.91
CA LEU B 57 -11.69 46.45 -11.11
C LEU B 57 -10.20 46.76 -10.95
N LYS B 58 -9.88 48.00 -10.58
CA LYS B 58 -8.47 48.39 -10.43
C LYS B 58 -7.68 47.50 -9.47
N LEU B 59 -8.31 47.14 -8.35
CA LEU B 59 -7.66 46.30 -7.36
C LEU B 59 -7.48 44.90 -7.93
N ALA B 60 -8.53 44.38 -8.56
CA ALA B 60 -8.51 43.06 -9.15
C ALA B 60 -7.35 42.89 -10.12
N SER B 61 -6.81 44.02 -10.58
CA SER B 61 -5.68 43.97 -11.53
C SER B 61 -4.41 43.58 -10.79
N GLU B 62 -4.41 43.74 -9.47
CA GLU B 62 -3.24 43.40 -8.66
C GLU B 62 -3.19 41.92 -8.31
N LEU B 63 -4.31 41.25 -8.57
CA LEU B 63 -4.45 39.83 -8.29
C LEU B 63 -3.55 38.91 -9.11
N ARG B 64 -2.80 38.05 -8.42
CA ARG B 64 -1.95 37.05 -9.08
C ARG B 64 -2.37 35.68 -8.54
N ASN B 65 -1.89 34.60 -9.16
CA ASN B 65 -2.24 33.26 -8.71
C ASN B 65 -1.99 33.03 -7.22
N GLU B 66 -2.94 32.37 -6.56
CA GLU B 66 -2.84 32.04 -5.15
C GLU B 66 -2.96 33.16 -4.12
N PHE B 67 -3.29 34.36 -4.58
CA PHE B 67 -3.48 35.46 -3.63
C PHE B 67 -4.73 35.02 -2.86
N CYS B 68 -4.77 35.27 -1.55
CA CYS B 68 -5.93 34.90 -0.75
C CYS B 68 -6.85 36.13 -0.74
N ILE B 69 -8.08 35.96 -1.18
CA ILE B 69 -8.98 37.09 -1.28
C ILE B 69 -10.38 36.87 -0.75
N GLN B 70 -11.04 37.97 -0.42
CA GLN B 70 -12.42 37.93 0.05
C GLN B 70 -13.20 38.80 -0.95
N VAL B 71 -14.25 38.23 -1.49
CA VAL B 71 -15.04 38.97 -2.47
C VAL B 71 -16.50 38.95 -2.11
N THR B 72 -17.12 40.12 -2.11
CA THR B 72 -18.55 40.20 -1.85
C THR B 72 -19.15 40.59 -3.18
N GLY B 73 -20.20 39.89 -3.60
CA GLY B 73 -20.82 40.19 -4.87
C GLY B 73 -22.19 39.59 -5.01
N THR B 74 -22.74 39.70 -6.21
CA THR B 74 -24.06 39.18 -6.50
C THR B 74 -24.01 38.04 -7.50
N VAL B 75 -24.71 36.96 -7.20
CA VAL B 75 -24.74 35.80 -8.10
C VAL B 75 -25.70 36.07 -9.24
N ARG B 76 -25.20 35.98 -10.47
CA ARG B 76 -26.05 36.20 -11.63
C ARG B 76 -25.79 35.16 -12.71
N ALA B 77 -26.86 34.56 -13.23
CA ALA B 77 -26.74 33.58 -14.29
C ALA B 77 -26.02 34.25 -15.43
N ARG B 78 -25.00 33.60 -15.97
CA ARG B 78 -24.24 34.19 -17.07
C ARG B 78 -24.92 33.93 -18.42
N ASP B 79 -24.69 34.82 -19.38
CA ASP B 79 -25.29 34.69 -20.71
C ASP B 79 -25.11 33.30 -21.28
N GLU B 80 -26.22 32.69 -21.70
CA GLU B 80 -26.21 31.36 -22.30
C GLU B 80 -24.97 31.17 -23.15
N LYS B 81 -24.46 32.27 -23.69
CA LYS B 81 -23.27 32.25 -24.51
C LYS B 81 -22.06 31.79 -23.71
N ASN B 82 -21.76 32.53 -22.66
CA ASN B 82 -20.60 32.26 -21.82
C ASN B 82 -20.65 31.06 -20.88
N ILE B 83 -21.85 30.65 -20.47
CA ILE B 83 -21.96 29.54 -19.52
C ILE B 83 -20.99 28.40 -19.85
N ASN B 84 -20.11 28.08 -18.89
CA ASN B 84 -19.13 27.02 -19.06
C ASN B 84 -19.75 25.71 -18.57
N ARG B 85 -19.73 24.68 -19.40
CA ARG B 85 -20.31 23.40 -19.03
C ARG B 85 -19.31 22.44 -18.38
N ASP B 86 -18.06 22.88 -18.27
CA ASP B 86 -17.03 22.06 -17.63
C ASP B 86 -16.79 22.47 -16.17
N MET B 87 -17.60 23.43 -15.69
CA MET B 87 -17.52 23.90 -14.32
C MET B 87 -18.84 23.68 -13.63
N ALA B 88 -18.80 23.15 -12.40
CA ALA B 88 -20.03 22.92 -11.67
C ALA B 88 -20.75 24.26 -11.50
N THR B 89 -19.98 25.34 -11.45
CA THR B 89 -20.55 26.68 -11.29
C THR B 89 -20.66 27.40 -12.65
N GLY B 90 -20.57 26.63 -13.73
CA GLY B 90 -20.61 27.18 -15.08
C GLY B 90 -21.77 28.06 -15.48
N GLU B 91 -22.99 27.68 -15.14
CA GLU B 91 -24.15 28.48 -15.51
C GLU B 91 -24.29 29.77 -14.69
N ILE B 92 -23.22 30.19 -14.02
CA ILE B 92 -23.26 31.42 -13.21
C ILE B 92 -21.90 32.06 -12.98
N GLU B 93 -21.91 33.19 -12.29
CA GLU B 93 -20.70 33.94 -11.97
C GLU B 93 -21.12 34.93 -10.91
N VAL B 94 -20.15 35.59 -10.28
CA VAL B 94 -20.51 36.56 -9.26
C VAL B 94 -20.03 37.95 -9.63
N LEU B 95 -20.97 38.89 -9.62
CA LEU B 95 -20.67 40.27 -9.94
C LEU B 95 -20.06 40.85 -8.68
N ALA B 96 -18.80 41.22 -8.78
CA ALA B 96 -18.07 41.75 -7.66
C ALA B 96 -18.47 43.15 -7.27
N SER B 97 -18.89 43.32 -6.02
CA SER B 97 -19.25 44.65 -5.53
C SER B 97 -18.09 45.06 -4.63
N SER B 98 -17.42 44.08 -4.05
CA SER B 98 -16.29 44.38 -3.19
C SER B 98 -15.20 43.30 -3.18
N LEU B 99 -13.96 43.76 -3.26
CA LEU B 99 -12.81 42.87 -3.24
C LEU B 99 -11.83 43.23 -2.14
N THR B 100 -11.37 42.23 -1.43
CA THR B 100 -10.39 42.44 -0.37
C THR B 100 -9.28 41.41 -0.50
N ILE B 101 -8.04 41.87 -0.46
CA ILE B 101 -6.92 40.95 -0.56
C ILE B 101 -6.43 40.59 0.84
N ILE B 102 -6.81 39.40 1.31
CA ILE B 102 -6.43 38.95 2.64
C ILE B 102 -4.93 38.81 2.70
N ASN B 103 -4.35 38.19 1.68
CA ASN B 103 -2.91 38.02 1.62
C ASN B 103 -2.39 37.83 0.22
N ARG B 104 -1.28 38.50 -0.06
CA ARG B 104 -0.65 38.36 -1.34
C ARG B 104 0.07 37.02 -1.29
N ALA B 105 0.57 36.59 -2.44
CA ALA B 105 1.33 35.37 -2.50
C ALA B 105 2.57 35.74 -3.29
N ASP B 106 3.76 35.51 -2.72
CA ASP B 106 5.00 35.79 -3.43
C ASP B 106 5.01 34.90 -4.65
N VAL B 107 6.15 34.90 -5.33
CA VAL B 107 6.32 34.05 -6.49
C VAL B 107 6.26 32.60 -6.00
N LEU B 108 5.33 31.86 -6.53
CA LEU B 108 5.11 30.47 -6.18
C LEU B 108 6.28 29.51 -6.48
N PRO B 109 6.65 28.66 -5.51
CA PRO B 109 7.74 27.71 -5.69
C PRO B 109 7.21 26.49 -6.45
N LEU B 110 5.95 26.57 -6.85
CA LEU B 110 5.33 25.50 -7.61
C LEU B 110 4.47 26.20 -8.65
N ASP B 111 4.69 25.88 -9.91
CA ASP B 111 3.94 26.48 -10.99
C ASP B 111 2.82 25.52 -11.35
N SER B 112 1.59 25.93 -11.13
CA SER B 112 0.45 25.07 -11.44
C SER B 112 0.32 24.70 -12.91
N ASN B 113 1.06 25.38 -13.78
CA ASN B 113 1.00 25.05 -15.20
C ASN B 113 1.82 23.81 -15.53
N HIS B 114 2.64 23.34 -14.59
CA HIS B 114 3.47 22.18 -14.85
C HIS B 114 3.26 21.07 -13.84
N VAL B 115 3.63 19.88 -14.27
CA VAL B 115 3.69 18.75 -13.38
C VAL B 115 5.01 18.96 -12.66
N ASN B 116 4.93 19.29 -11.41
CA ASN B 116 6.14 19.62 -10.68
C ASN B 116 6.83 18.41 -10.15
N THR B 117 8.12 18.58 -9.88
CA THR B 117 8.94 17.51 -9.37
C THR B 117 8.46 17.07 -8.00
N GLU B 118 8.54 15.77 -7.75
CA GLU B 118 8.11 15.26 -6.49
C GLU B 118 8.85 15.97 -5.36
N GLU B 119 10.12 16.31 -5.59
CA GLU B 119 10.90 16.98 -4.56
C GLU B 119 10.32 18.35 -4.19
N ALA B 120 10.05 19.17 -5.19
CA ALA B 120 9.49 20.50 -4.97
C ALA B 120 8.09 20.37 -4.35
N ARG B 121 7.31 19.42 -4.83
CA ARG B 121 5.97 19.22 -4.32
C ARG B 121 6.00 18.83 -2.82
N LEU B 122 7.01 18.06 -2.40
CA LEU B 122 7.08 17.67 -1.00
C LEU B 122 7.60 18.85 -0.20
N LYS B 123 8.60 19.53 -0.74
CA LYS B 123 9.15 20.67 -0.05
C LYS B 123 8.04 21.65 0.25
N TYR B 124 7.20 21.94 -0.75
CA TYR B 124 6.10 22.87 -0.56
C TYR B 124 4.78 22.12 -0.57
N ARG B 125 4.74 21.07 0.24
CA ARG B 125 3.56 20.24 0.33
C ARG B 125 2.28 21.05 0.57
N TYR B 126 2.34 22.10 1.38
CA TYR B 126 1.13 22.87 1.64
C TYR B 126 0.61 23.54 0.37
N LEU B 127 1.50 23.88 -0.58
CA LEU B 127 0.97 24.45 -1.81
C LEU B 127 0.45 23.32 -2.67
N ASP B 128 1.18 22.21 -2.70
CA ASP B 128 0.77 21.08 -3.51
C ASP B 128 -0.61 20.56 -3.11
N LEU B 129 -0.89 20.60 -1.81
CA LEU B 129 -2.18 20.12 -1.31
C LEU B 129 -3.35 20.99 -1.73
N ARG B 130 -3.07 22.18 -2.30
CA ARG B 130 -4.14 23.07 -2.76
C ARG B 130 -4.76 22.51 -4.04
N ARG B 131 -4.01 21.71 -4.77
CA ARG B 131 -4.53 21.15 -6.01
C ARG B 131 -5.63 20.15 -5.67
N PRO B 132 -6.76 20.23 -6.39
CA PRO B 132 -7.94 19.37 -6.21
C PRO B 132 -7.66 17.88 -6.24
N GLU B 133 -6.75 17.47 -7.11
CA GLU B 133 -6.40 16.07 -7.27
C GLU B 133 -5.88 15.59 -5.93
N MET B 134 -4.93 16.35 -5.38
CA MET B 134 -4.33 16.03 -4.10
C MET B 134 -5.37 16.13 -2.99
N ALA B 135 -5.97 17.31 -2.87
CA ALA B 135 -6.95 17.54 -1.85
C ALA B 135 -8.01 16.45 -1.87
N GLN B 136 -8.44 16.06 -3.07
CA GLN B 136 -9.49 15.04 -3.18
C GLN B 136 -9.10 13.71 -2.56
N ARG B 137 -7.83 13.34 -2.65
CA ARG B 137 -7.44 12.07 -2.07
C ARG B 137 -7.55 12.13 -0.56
N LEU B 138 -7.21 13.28 0.01
CA LEU B 138 -7.31 13.41 1.45
C LEU B 138 -8.80 13.43 1.85
N LYS B 139 -9.65 14.09 1.07
CA LYS B 139 -11.07 14.11 1.39
C LYS B 139 -11.61 12.69 1.34
N THR B 140 -11.24 11.95 0.31
CA THR B 140 -11.68 10.57 0.16
C THR B 140 -11.18 9.73 1.31
N ARG B 141 -9.96 9.99 1.76
CA ARG B 141 -9.42 9.21 2.86
C ARG B 141 -10.25 9.47 4.11
N ALA B 142 -10.69 10.71 4.29
CA ALA B 142 -11.51 11.03 5.45
C ALA B 142 -12.87 10.32 5.33
N LYS B 143 -13.34 10.11 4.11
CA LYS B 143 -14.62 9.43 3.93
C LYS B 143 -14.45 7.96 4.26
N ILE B 144 -13.29 7.43 3.90
CA ILE B 144 -12.99 6.04 4.17
C ILE B 144 -12.94 5.81 5.68
N THR B 145 -12.23 6.66 6.41
CA THR B 145 -12.13 6.46 7.85
C THR B 145 -13.50 6.61 8.46
N SER B 146 -14.28 7.51 7.90
CA SER B 146 -15.64 7.73 8.40
C SER B 146 -16.47 6.45 8.18
N LEU B 147 -16.37 5.87 6.99
CA LEU B 147 -17.09 4.63 6.67
C LEU B 147 -16.62 3.48 7.57
N VAL B 148 -15.32 3.38 7.80
CA VAL B 148 -14.74 2.33 8.62
C VAL B 148 -15.28 2.40 10.06
N ARG B 149 -15.22 3.57 10.67
CA ARG B 149 -15.69 3.73 12.03
C ARG B 149 -17.17 3.39 12.20
N ARG B 150 -18.02 3.92 11.33
CA ARG B 150 -19.44 3.61 11.41
C ARG B 150 -19.68 2.12 11.27
N PHE B 151 -18.94 1.49 10.36
CA PHE B 151 -19.11 0.06 10.14
C PHE B 151 -18.63 -0.72 11.35
N MET B 152 -17.40 -0.48 11.77
CA MET B 152 -16.88 -1.19 12.93
C MET B 152 -17.72 -0.98 14.19
N ASP B 153 -18.17 0.25 14.42
CA ASP B 153 -19.00 0.52 15.60
C ASP B 153 -20.30 -0.25 15.46
N ASP B 154 -20.93 -0.12 14.31
CA ASP B 154 -22.15 -0.82 14.05
C ASP B 154 -21.96 -2.32 14.23
N HIS B 155 -20.73 -2.82 14.12
CA HIS B 155 -20.53 -4.25 14.29
C HIS B 155 -20.04 -4.60 15.69
N GLY B 156 -20.19 -3.67 16.61
CA GLY B 156 -19.78 -3.89 17.99
C GLY B 156 -18.30 -3.83 18.31
N PHE B 157 -17.50 -3.12 17.52
CA PHE B 157 -16.09 -3.04 17.81
C PHE B 157 -15.93 -1.76 18.57
N LEU B 158 -15.06 -1.80 19.58
CA LEU B 158 -14.78 -0.67 20.45
C LEU B 158 -13.49 0.00 20.03
N ASP B 159 -13.59 1.29 19.80
CA ASP B 159 -12.42 2.06 19.42
C ASP B 159 -11.69 2.38 20.72
N ILE B 160 -10.58 1.67 20.94
CA ILE B 160 -9.77 1.89 22.14
C ILE B 160 -8.33 2.30 21.74
N GLU B 161 -7.89 3.46 22.19
CA GLU B 161 -6.56 3.92 21.87
C GLU B 161 -5.50 3.16 22.65
N THR B 162 -4.36 2.92 22.01
CA THR B 162 -3.25 2.21 22.62
C THR B 162 -2.06 3.17 22.67
N PRO B 163 -1.11 2.92 23.57
CA PRO B 163 0.06 3.81 23.69
C PRO B 163 1.08 3.80 22.56
N MET B 164 1.67 4.97 22.31
CA MET B 164 2.72 5.11 21.30
C MET B 164 4.05 4.92 22.04
N LEU B 165 4.11 5.29 23.32
CA LEU B 165 5.33 5.11 24.10
C LEU B 165 5.26 3.73 24.71
N THR B 166 5.82 2.74 24.00
CA THR B 166 5.72 1.35 24.45
C THR B 166 7.06 0.68 24.71
N LYS B 167 7.03 -0.63 24.92
CA LYS B 167 8.29 -1.29 25.17
C LYS B 167 8.88 -1.93 23.92
N ALA B 168 10.19 -1.76 23.81
CA ALA B 168 10.97 -2.30 22.71
C ALA B 168 11.03 -3.82 22.93
N THR B 169 10.70 -4.55 21.87
CA THR B 169 10.71 -6.01 21.92
C THR B 169 11.20 -6.60 20.58
N PRO B 170 11.93 -7.73 20.64
CA PRO B 170 12.46 -8.40 19.45
C PRO B 170 11.42 -8.91 18.45
N GLU B 171 11.88 -9.19 17.23
CA GLU B 171 11.05 -9.69 16.13
C GLU B 171 10.29 -8.57 15.38
N GLY B 172 9.84 -8.85 14.16
CA GLY B 172 9.11 -7.87 13.38
C GLY B 172 10.00 -6.94 12.56
N ALA B 173 9.73 -5.64 12.70
CA ALA B 173 10.51 -4.64 11.98
C ALA B 173 11.38 -3.96 13.01
N ARG B 174 12.23 -3.07 12.56
CA ARG B 174 13.12 -2.32 13.45
C ARG B 174 12.26 -1.27 14.18
N ASP B 175 12.45 -1.15 15.48
CA ASP B 175 11.72 -0.16 16.27
C ASP B 175 12.41 1.19 16.31
N TYR B 176 11.57 2.19 16.26
CA TYR B 176 12.00 3.56 16.47
C TYR B 176 12.10 3.67 17.97
N LEU B 177 13.10 4.31 18.46
CA LEU B 177 13.25 4.41 19.90
C LEU B 177 13.07 5.83 20.37
N VAL B 178 12.65 5.98 21.63
CA VAL B 178 12.48 7.30 22.20
C VAL B 178 13.25 7.26 23.49
N PRO B 179 14.29 8.08 23.60
CA PRO B 179 15.01 8.00 24.86
C PRO B 179 14.25 8.62 26.02
N SER B 180 14.33 7.95 27.17
CA SER B 180 13.68 8.40 28.40
C SER B 180 14.48 9.37 29.26
N ARG B 181 13.87 10.50 29.58
CA ARG B 181 14.44 11.55 30.41
C ARG B 181 14.44 11.07 31.85
N VAL B 182 13.37 10.40 32.23
CA VAL B 182 13.21 9.93 33.59
C VAL B 182 14.05 8.72 33.96
N HIS B 183 14.28 7.82 33.01
CA HIS B 183 15.03 6.61 33.29
C HIS B 183 16.29 6.56 32.45
N LYS B 184 17.38 7.04 33.03
CA LYS B 184 18.65 7.09 32.35
C LYS B 184 18.99 5.76 31.71
N GLY B 185 19.39 5.81 30.45
CA GLY B 185 19.76 4.59 29.75
C GLY B 185 18.60 3.77 29.22
N LYS B 186 17.38 4.20 29.45
CA LYS B 186 16.25 3.43 28.95
C LYS B 186 15.49 4.15 27.83
N PHE B 187 14.84 3.35 27.00
CA PHE B 187 14.08 3.89 25.88
C PHE B 187 12.74 3.22 25.72
N TYR B 188 11.85 3.99 25.13
CA TYR B 188 10.54 3.51 24.71
C TYR B 188 10.70 3.18 23.25
N ALA B 189 9.86 2.35 22.78
CA ALA B 189 9.86 2.05 21.36
C ALA B 189 8.51 2.53 20.82
N LEU B 190 8.53 3.18 19.68
CA LEU B 190 7.28 3.52 19.02
C LEU B 190 6.72 2.14 18.61
N PRO B 191 5.40 1.97 18.58
CA PRO B 191 4.85 0.67 18.20
C PRO B 191 4.87 0.32 16.73
N GLN B 192 5.26 -0.90 16.41
CA GLN B 192 5.25 -1.39 15.03
C GLN B 192 3.79 -1.57 14.65
N SER B 193 3.00 -1.86 15.68
CA SER B 193 1.58 -2.04 15.56
C SER B 193 1.15 -2.19 17.00
N PRO B 194 -0.18 -2.13 17.28
CA PRO B 194 -0.68 -2.27 18.64
C PRO B 194 -0.90 -3.75 19.01
N GLN B 195 -0.33 -4.66 18.21
CA GLN B 195 -0.49 -6.11 18.38
C GLN B 195 -0.64 -6.65 19.81
N LEU B 196 0.38 -6.40 20.63
CA LEU B 196 0.36 -6.90 22.00
C LEU B 196 -0.72 -6.24 22.84
N PHE B 197 -0.95 -4.95 22.62
CA PHE B 197 -1.97 -4.28 23.42
C PHE B 197 -3.37 -4.75 23.05
N LYS B 198 -3.66 -4.94 21.77
CA LYS B 198 -5.01 -5.37 21.37
C LYS B 198 -5.27 -6.78 21.86
N GLN B 199 -4.23 -7.61 21.90
CA GLN B 199 -4.41 -8.94 22.44
C GLN B 199 -4.75 -8.77 23.91
N LEU B 200 -4.00 -7.92 24.63
CA LEU B 200 -4.27 -7.69 26.05
C LEU B 200 -5.67 -7.10 26.26
N LEU B 201 -6.15 -6.28 25.34
CA LEU B 201 -7.50 -5.74 25.46
C LEU B 201 -8.53 -6.85 25.33
N MET B 202 -8.14 -7.88 24.62
CA MET B 202 -8.98 -9.05 24.44
C MET B 202 -9.02 -9.81 25.78
N MET B 203 -7.86 -9.89 26.39
CA MET B 203 -7.70 -10.53 27.70
C MET B 203 -8.33 -9.62 28.76
N SER B 204 -8.69 -8.40 28.36
CA SER B 204 -9.35 -7.47 29.27
C SER B 204 -10.88 -7.59 29.20
N GLY B 205 -11.38 -8.40 28.27
CA GLY B 205 -12.83 -8.58 28.20
C GLY B 205 -13.52 -7.75 27.16
N PHE B 206 -12.86 -6.73 26.66
CA PHE B 206 -13.45 -6.06 25.52
C PHE B 206 -13.61 -7.21 24.56
N ASP B 207 -14.53 -7.19 23.67
CA ASP B 207 -14.70 -8.40 22.88
C ASP B 207 -14.30 -8.25 21.43
N ARG B 208 -14.45 -7.05 20.97
CA ARG B 208 -14.10 -6.64 19.62
C ARG B 208 -13.49 -5.27 19.78
N TYR B 209 -12.33 -5.09 19.18
CA TYR B 209 -11.64 -3.83 19.25
C TYR B 209 -11.17 -3.46 17.87
N TYR B 210 -10.96 -2.17 17.69
CA TYR B 210 -10.43 -1.68 16.45
C TYR B 210 -9.89 -0.31 16.76
N GLN B 211 -9.13 0.23 15.83
CA GLN B 211 -8.57 1.52 16.04
C GLN B 211 -7.93 1.90 14.71
N ILE B 212 -8.01 3.15 14.38
CA ILE B 212 -7.29 3.66 13.21
C ILE B 212 -6.10 4.32 13.81
N VAL B 213 -5.00 3.59 13.76
CA VAL B 213 -3.82 4.01 14.50
C VAL B 213 -2.53 4.05 13.71
N LYS B 214 -1.67 5.01 14.06
CA LYS B 214 -0.38 5.11 13.41
C LYS B 214 0.53 3.99 13.88
N CYS B 215 1.32 3.48 12.94
CA CYS B 215 2.29 2.41 13.17
C CYS B 215 3.65 2.91 12.73
N PHE B 216 4.70 2.42 13.41
CA PHE B 216 6.06 2.86 13.16
C PHE B 216 7.04 1.74 13.00
N ARG B 217 7.67 1.67 11.83
CA ARG B 217 8.63 0.64 11.52
C ARG B 217 9.78 1.35 10.85
N ASP B 218 10.90 1.37 11.55
CA ASP B 218 12.11 2.05 11.10
C ASP B 218 12.79 1.20 10.02
N GLU B 219 12.21 1.27 8.84
CA GLU B 219 12.66 0.53 7.67
C GLU B 219 12.71 1.45 6.49
N ASP B 220 13.45 1.07 5.47
CA ASP B 220 13.50 1.93 4.30
C ASP B 220 12.15 1.92 3.58
N LEU B 221 11.99 2.83 2.63
CA LEU B 221 10.73 2.93 1.95
C LEU B 221 10.62 2.35 0.55
N ARG B 222 9.40 2.44 0.03
CA ARG B 222 9.05 2.00 -1.30
C ARG B 222 7.83 2.82 -1.62
N ALA B 223 7.39 2.73 -2.86
CA ALA B 223 6.21 3.45 -3.33
C ALA B 223 5.01 3.10 -2.47
N ASP B 224 5.02 1.92 -1.84
CA ASP B 224 3.88 1.54 -1.00
C ASP B 224 4.23 1.40 0.48
N ARG B 225 5.37 1.96 0.88
CA ARG B 225 5.83 1.89 2.27
C ARG B 225 6.36 3.20 2.82
N GLN B 226 5.89 3.54 4.01
CA GLN B 226 6.33 4.74 4.71
C GLN B 226 6.72 4.22 6.09
N PRO B 227 7.74 4.82 6.73
CA PRO B 227 8.18 4.36 8.06
C PRO B 227 7.11 4.57 9.15
N GLU B 228 6.21 5.51 8.92
CA GLU B 228 5.12 5.78 9.83
C GLU B 228 3.91 5.70 8.92
N PHE B 229 2.95 4.85 9.28
CA PHE B 229 1.79 4.68 8.43
C PHE B 229 0.58 4.35 9.29
N THR B 230 -0.59 4.24 8.68
CA THR B 230 -1.80 3.99 9.44
C THR B 230 -2.52 2.67 9.20
N GLN B 231 -2.87 2.00 10.29
CA GLN B 231 -3.58 0.74 10.19
C GLN B 231 -5.02 0.93 10.64
N ILE B 232 -5.84 0.08 10.12
CA ILE B 232 -7.18 -0.12 10.64
C ILE B 232 -6.99 -1.39 11.42
N ASP B 233 -6.66 -1.22 12.67
CA ASP B 233 -6.32 -2.34 13.53
C ASP B 233 -7.56 -2.99 14.10
N VAL B 234 -7.62 -4.32 14.05
CA VAL B 234 -8.82 -5.01 14.52
C VAL B 234 -8.53 -6.28 15.29
N GLU B 235 -9.25 -6.48 16.38
CA GLU B 235 -9.07 -7.71 17.17
C GLU B 235 -10.44 -8.22 17.65
N THR B 236 -10.59 -9.55 17.71
CA THR B 236 -11.80 -10.17 18.20
C THR B 236 -11.46 -11.26 19.19
N SER B 237 -12.48 -11.76 19.89
CA SER B 237 -12.29 -12.84 20.84
C SER B 237 -13.36 -13.85 20.48
N PHE B 238 -13.14 -15.09 20.84
CA PHE B 238 -14.16 -16.11 20.58
C PHE B 238 -14.66 -16.20 19.15
N MET B 239 -13.76 -15.95 18.19
CA MET B 239 -14.09 -16.06 16.78
C MET B 239 -12.97 -16.77 16.03
N THR B 240 -13.32 -17.47 14.97
CA THR B 240 -12.32 -18.18 14.19
C THR B 240 -11.78 -17.32 13.07
N ALA B 241 -10.76 -17.83 12.39
CA ALA B 241 -10.17 -17.09 11.29
C ALA B 241 -11.21 -16.73 10.22
N PRO B 242 -12.00 -17.73 9.75
CA PRO B 242 -13.02 -17.47 8.73
C PRO B 242 -14.03 -16.42 9.19
N GLN B 243 -14.38 -16.46 10.47
CA GLN B 243 -15.32 -15.48 10.99
C GLN B 243 -14.69 -14.09 10.96
N VAL B 244 -13.41 -14.01 11.34
CA VAL B 244 -12.70 -12.73 11.30
C VAL B 244 -12.67 -12.24 9.84
N ARG B 245 -12.33 -13.15 8.92
CA ARG B 245 -12.24 -12.79 7.50
C ARG B 245 -13.56 -12.31 6.94
N GLU B 246 -14.63 -12.92 7.43
CA GLU B 246 -15.97 -12.58 6.99
C GLU B 246 -16.30 -11.11 7.26
N VAL B 247 -16.14 -10.68 8.50
CA VAL B 247 -16.46 -9.28 8.79
C VAL B 247 -15.41 -8.36 8.18
N MET B 248 -14.16 -8.81 8.12
CA MET B 248 -13.12 -7.97 7.50
C MET B 248 -13.37 -7.84 6.00
N GLU B 249 -13.82 -8.92 5.37
CA GLU B 249 -14.13 -8.87 3.94
C GLU B 249 -15.34 -7.94 3.73
N ALA B 250 -16.31 -8.03 4.64
CA ALA B 250 -17.51 -7.19 4.55
C ALA B 250 -17.13 -5.73 4.62
N LEU B 251 -16.18 -5.41 5.49
CA LEU B 251 -15.77 -4.02 5.61
C LEU B 251 -15.22 -3.54 4.28
N VAL B 252 -14.32 -4.32 3.70
CA VAL B 252 -13.72 -3.93 2.46
C VAL B 252 -14.76 -3.90 1.32
N ARG B 253 -15.71 -4.83 1.33
CA ARG B 253 -16.74 -4.78 0.28
C ARG B 253 -17.55 -3.52 0.46
N HIS B 254 -17.78 -3.14 1.72
CA HIS B 254 -18.53 -1.94 2.04
C HIS B 254 -17.80 -0.70 1.54
N LEU B 255 -16.48 -0.64 1.79
CA LEU B 255 -15.69 0.49 1.36
C LEU B 255 -15.71 0.63 -0.16
N TRP B 256 -15.56 -0.48 -0.87
CA TRP B 256 -15.56 -0.39 -2.32
C TRP B 256 -16.94 0.02 -2.83
N LEU B 257 -17.99 -0.50 -2.20
CA LEU B 257 -19.31 -0.16 -2.63
C LEU B 257 -19.55 1.34 -2.43
N GLU B 258 -19.45 1.79 -1.19
CA GLU B 258 -19.67 3.21 -0.87
C GLU B 258 -18.72 4.21 -1.52
N VAL B 259 -17.46 3.83 -1.71
CA VAL B 259 -16.49 4.75 -2.28
C VAL B 259 -16.37 4.73 -3.79
N LYS B 260 -16.48 3.55 -4.40
CA LYS B 260 -16.35 3.42 -5.85
C LYS B 260 -17.59 2.92 -6.56
N GLY B 261 -18.63 2.57 -5.82
CA GLY B 261 -19.82 2.07 -6.47
C GLY B 261 -19.54 0.72 -7.09
N VAL B 262 -18.52 0.04 -6.57
CA VAL B 262 -18.19 -1.26 -7.10
C VAL B 262 -18.43 -2.37 -6.11
N ASP B 263 -19.05 -3.44 -6.60
CA ASP B 263 -19.33 -4.59 -5.77
C ASP B 263 -18.21 -5.57 -6.11
N LEU B 264 -17.34 -5.83 -5.14
CA LEU B 264 -16.22 -6.74 -5.34
C LEU B 264 -16.59 -8.21 -5.43
N GLY B 265 -17.76 -8.59 -4.92
CA GLY B 265 -18.17 -9.99 -4.95
C GLY B 265 -17.48 -10.78 -3.85
N ASP B 266 -17.81 -12.06 -3.70
CA ASP B 266 -17.16 -12.86 -2.66
C ASP B 266 -15.68 -13.00 -3.00
N PHE B 267 -14.82 -12.84 -2.00
CA PHE B 267 -13.39 -12.94 -2.25
C PHE B 267 -12.92 -14.38 -2.47
N PRO B 268 -12.16 -14.59 -3.54
CA PRO B 268 -11.65 -15.94 -3.81
C PRO B 268 -10.68 -16.21 -2.65
N VAL B 269 -10.42 -17.47 -2.37
CA VAL B 269 -9.52 -17.82 -1.29
C VAL B 269 -8.47 -18.72 -1.87
N MET B 270 -7.23 -18.49 -1.47
CA MET B 270 -6.12 -19.26 -2.02
C MET B 270 -5.12 -19.50 -0.92
N THR B 271 -4.53 -20.68 -0.91
CA THR B 271 -3.52 -20.99 0.07
C THR B 271 -2.21 -20.34 -0.36
N PHE B 272 -1.34 -20.12 0.61
CA PHE B 272 -0.03 -19.55 0.37
C PHE B 272 0.70 -20.43 -0.63
N ALA B 273 0.59 -21.73 -0.45
CA ALA B 273 1.24 -22.71 -1.31
C ALA B 273 0.79 -22.58 -2.75
N GLU B 274 -0.50 -22.38 -2.95
CA GLU B 274 -1.01 -22.25 -4.31
C GLU B 274 -0.59 -20.92 -4.94
N ALA B 275 -0.64 -19.85 -4.15
CA ALA B 275 -0.26 -18.55 -4.65
C ALA B 275 1.21 -18.58 -5.07
N GLU B 276 2.05 -19.20 -4.25
CA GLU B 276 3.48 -19.28 -4.60
C GLU B 276 3.65 -20.15 -5.86
N ARG B 277 2.97 -21.29 -5.88
CA ARG B 277 3.05 -22.20 -7.01
C ARG B 277 2.65 -21.50 -8.33
N ARG B 278 1.44 -20.94 -8.34
CA ARG B 278 0.92 -20.28 -9.52
C ARG B 278 1.46 -18.89 -9.87
N TYR B 279 1.82 -18.08 -8.88
CA TYR B 279 2.26 -16.74 -9.21
C TYR B 279 3.59 -16.32 -8.60
N GLY B 280 4.18 -17.21 -7.83
CA GLY B 280 5.45 -16.89 -7.20
C GLY B 280 5.25 -15.63 -6.39
N SER B 281 4.14 -15.58 -5.67
CA SER B 281 3.84 -14.43 -4.84
C SER B 281 2.80 -14.74 -3.78
N ASP B 282 2.89 -14.06 -2.65
CA ASP B 282 1.92 -14.27 -1.58
C ASP B 282 0.95 -13.10 -1.57
N LYS B 283 1.00 -12.31 -2.64
CA LYS B 283 0.08 -11.18 -2.81
C LYS B 283 -0.14 -11.15 -4.32
N PRO B 284 -0.60 -12.29 -4.88
CA PRO B 284 -0.83 -12.37 -6.32
C PRO B 284 -1.78 -11.33 -6.90
N ASP B 285 -1.41 -10.84 -8.07
CA ASP B 285 -2.22 -9.88 -8.77
C ASP B 285 -3.00 -10.73 -9.77
N LEU B 286 -4.23 -11.05 -9.45
CA LEU B 286 -5.04 -11.89 -10.30
C LEU B 286 -5.58 -11.18 -11.53
N ARG B 287 -5.15 -9.94 -11.76
CA ARG B 287 -5.60 -9.21 -12.95
C ARG B 287 -4.69 -9.61 -14.11
N ASN B 288 -3.54 -10.17 -13.75
CA ASN B 288 -2.56 -10.63 -14.71
C ASN B 288 -2.91 -12.11 -14.91
N PRO B 289 -3.34 -12.49 -16.11
CA PRO B 289 -3.72 -13.87 -16.41
C PRO B 289 -2.58 -14.92 -16.50
N MET B 290 -1.34 -14.46 -16.61
CA MET B 290 -0.22 -15.39 -16.71
C MET B 290 0.02 -16.17 -15.42
N GLU B 291 0.56 -17.38 -15.55
CA GLU B 291 0.87 -18.22 -14.38
C GLU B 291 2.21 -18.86 -14.57
N LEU B 292 2.72 -19.48 -13.51
CA LEU B 292 3.98 -20.18 -13.58
C LEU B 292 3.62 -21.65 -13.76
N THR B 293 4.44 -22.36 -14.51
CA THR B 293 4.21 -23.78 -14.76
C THR B 293 5.46 -24.51 -14.30
N ASP B 294 5.30 -25.41 -13.33
CA ASP B 294 6.45 -26.17 -12.87
C ASP B 294 6.75 -27.22 -13.91
N VAL B 295 8.02 -27.30 -14.28
CA VAL B 295 8.45 -28.26 -15.28
C VAL B 295 9.69 -29.01 -14.82
N ALA B 296 9.98 -28.95 -13.53
CA ALA B 296 11.16 -29.65 -13.02
C ALA B 296 11.14 -31.17 -13.29
N ASP B 297 9.98 -31.80 -13.12
CA ASP B 297 9.94 -33.25 -13.33
C ASP B 297 10.20 -33.66 -14.77
N LEU B 298 10.33 -32.69 -15.67
CA LEU B 298 10.61 -32.95 -17.08
C LEU B 298 12.10 -32.74 -17.37
N LEU B 299 12.79 -32.10 -16.44
CA LEU B 299 14.19 -31.78 -16.67
C LEU B 299 15.17 -32.52 -15.77
N LYS B 300 14.69 -33.50 -15.03
CA LYS B 300 15.56 -34.23 -14.12
C LYS B 300 16.81 -34.84 -14.74
N SER B 301 16.71 -35.32 -15.98
CA SER B 301 17.85 -35.97 -16.61
C SER B 301 18.62 -35.17 -17.63
N VAL B 302 18.18 -33.97 -17.94
CA VAL B 302 18.90 -33.17 -18.91
C VAL B 302 20.33 -33.06 -18.40
N GLU B 303 21.30 -32.84 -19.28
CA GLU B 303 22.69 -32.76 -18.83
C GLU B 303 22.98 -31.39 -18.21
N PHE B 304 22.34 -30.39 -18.79
CA PHE B 304 22.41 -28.99 -18.38
C PHE B 304 22.20 -28.84 -16.86
N ALA B 305 23.29 -28.69 -16.11
CA ALA B 305 23.18 -28.56 -14.65
C ALA B 305 22.30 -27.38 -14.22
N VAL B 306 22.28 -26.32 -15.02
CA VAL B 306 21.44 -25.18 -14.71
C VAL B 306 19.98 -25.59 -14.48
N PHE B 307 19.52 -26.61 -15.19
CA PHE B 307 18.16 -27.11 -15.05
C PHE B 307 18.10 -28.36 -14.17
N ALA B 308 19.05 -29.27 -14.41
CA ALA B 308 19.09 -30.54 -13.70
C ALA B 308 19.21 -30.39 -12.19
N GLY B 309 20.02 -29.44 -11.75
CA GLY B 309 20.17 -29.25 -10.32
C GLY B 309 18.85 -28.85 -9.67
N PRO B 310 18.29 -27.72 -10.11
CA PRO B 310 17.02 -27.31 -9.50
C PRO B 310 15.93 -28.33 -9.70
N ALA B 311 15.97 -29.04 -10.82
CA ALA B 311 14.94 -30.05 -11.08
C ALA B 311 15.02 -31.21 -10.09
N ASN B 312 16.23 -31.67 -9.78
CA ASN B 312 16.37 -32.79 -8.84
C ASN B 312 16.31 -32.39 -7.38
N ASP B 313 16.70 -31.16 -7.09
CA ASP B 313 16.72 -30.70 -5.72
C ASP B 313 15.32 -30.40 -5.19
N PRO B 314 14.91 -31.10 -4.13
CA PRO B 314 13.57 -30.82 -3.59
C PRO B 314 13.41 -29.36 -3.12
N LYS B 315 14.50 -28.67 -2.84
CA LYS B 315 14.41 -27.28 -2.43
C LYS B 315 14.52 -26.39 -3.66
N GLY B 316 14.68 -27.03 -4.83
CA GLY B 316 14.80 -26.29 -6.07
C GLY B 316 13.52 -26.22 -6.87
N ARG B 317 13.53 -25.42 -7.92
CA ARG B 317 12.35 -25.26 -8.75
C ARG B 317 12.69 -24.81 -10.17
N VAL B 318 11.92 -25.31 -11.13
CA VAL B 318 12.10 -24.87 -12.50
C VAL B 318 10.69 -24.50 -12.90
N ALA B 319 10.45 -23.21 -12.98
CA ALA B 319 9.13 -22.74 -13.33
C ALA B 319 9.21 -22.05 -14.67
N ALA B 320 8.29 -22.39 -15.54
CA ALA B 320 8.26 -21.78 -16.86
C ALA B 320 7.18 -20.72 -16.83
N LEU B 321 7.40 -19.65 -17.56
CA LEU B 321 6.39 -18.60 -17.60
C LEU B 321 5.98 -18.45 -19.05
N ARG B 322 4.75 -18.81 -19.38
CA ARG B 322 4.28 -18.66 -20.74
C ARG B 322 3.85 -17.21 -20.96
N VAL B 323 4.49 -16.54 -21.91
CA VAL B 323 4.15 -15.16 -22.22
C VAL B 323 3.43 -15.11 -23.58
N PRO B 324 2.11 -14.90 -23.56
CA PRO B 324 1.34 -14.84 -24.81
C PRO B 324 1.95 -13.79 -25.73
N GLY B 325 2.28 -14.23 -26.94
CA GLY B 325 2.87 -13.33 -27.93
C GLY B 325 4.30 -12.93 -27.70
N GLY B 326 4.88 -13.36 -26.59
CA GLY B 326 6.25 -12.97 -26.27
C GLY B 326 7.33 -13.37 -27.25
N ALA B 327 7.01 -14.22 -28.22
CA ALA B 327 8.01 -14.67 -29.20
C ALA B 327 8.63 -13.49 -29.96
N SER B 328 7.89 -12.38 -30.03
CA SER B 328 8.34 -11.20 -30.74
C SER B 328 9.24 -10.29 -29.93
N LEU B 329 9.49 -10.61 -28.66
CA LEU B 329 10.37 -9.75 -27.88
C LEU B 329 11.71 -9.63 -28.62
N THR B 330 12.31 -8.45 -28.60
CA THR B 330 13.59 -8.23 -29.27
C THR B 330 14.70 -8.72 -28.37
N ARG B 331 15.94 -8.71 -28.88
CA ARG B 331 17.07 -9.15 -28.07
C ARG B 331 17.29 -8.15 -26.95
N LYS B 332 16.96 -6.90 -27.22
CA LYS B 332 17.09 -5.84 -26.23
C LYS B 332 16.11 -6.15 -25.08
N GLN B 333 14.84 -6.30 -25.41
CA GLN B 333 13.83 -6.59 -24.41
C GLN B 333 14.13 -7.83 -23.57
N ILE B 334 14.66 -8.87 -24.21
CA ILE B 334 14.98 -10.09 -23.50
C ILE B 334 16.18 -9.89 -22.60
N ASP B 335 17.14 -9.08 -23.05
CA ASP B 335 18.28 -8.82 -22.19
C ASP B 335 17.80 -8.03 -20.97
N GLU B 336 16.91 -7.07 -21.20
CA GLU B 336 16.37 -6.26 -20.11
C GLU B 336 15.70 -7.18 -19.09
N TYR B 337 14.90 -8.13 -19.56
CA TYR B 337 14.23 -9.07 -18.65
C TYR B 337 15.27 -9.89 -17.92
N GLY B 338 16.32 -10.25 -18.65
CA GLY B 338 17.38 -11.05 -18.07
C GLY B 338 18.00 -10.31 -16.89
N ASN B 339 18.23 -9.01 -17.09
CA ASN B 339 18.81 -8.17 -16.06
C ASN B 339 17.81 -8.00 -14.92
N PHE B 340 16.54 -7.89 -15.30
CA PHE B 340 15.49 -7.70 -14.32
C PHE B 340 15.44 -8.86 -13.34
N VAL B 341 15.51 -10.10 -13.82
CA VAL B 341 15.42 -11.20 -12.89
C VAL B 341 16.66 -11.30 -12.03
N LYS B 342 17.76 -10.75 -12.53
CA LYS B 342 19.00 -10.78 -11.76
C LYS B 342 18.78 -10.01 -10.47
N ILE B 343 17.91 -8.99 -10.52
CA ILE B 343 17.61 -8.20 -9.35
C ILE B 343 17.12 -9.10 -8.24
N TYR B 344 16.39 -10.15 -8.60
CA TYR B 344 15.84 -11.04 -7.59
C TYR B 344 16.65 -12.29 -7.29
N GLY B 345 17.89 -12.32 -7.77
CA GLY B 345 18.74 -13.47 -7.51
C GLY B 345 18.89 -14.53 -8.60
N ALA B 346 18.14 -14.40 -9.67
CA ALA B 346 18.24 -15.36 -10.76
C ALA B 346 19.63 -15.26 -11.37
N LYS B 347 20.22 -16.39 -11.75
CA LYS B 347 21.56 -16.36 -12.35
C LYS B 347 21.46 -16.24 -13.88
N GLY B 348 20.24 -16.39 -14.40
CA GLY B 348 20.04 -16.27 -15.83
C GLY B 348 18.57 -16.29 -16.18
N LEU B 349 18.27 -16.27 -17.46
CA LEU B 349 16.89 -16.30 -17.93
C LEU B 349 16.80 -17.07 -19.24
N ALA B 350 16.70 -18.38 -19.15
CA ALA B 350 16.60 -19.20 -20.35
C ALA B 350 15.19 -18.98 -20.91
N TYR B 351 15.07 -19.04 -22.24
CA TYR B 351 13.78 -18.85 -22.88
C TYR B 351 13.62 -19.71 -24.13
N ILE B 352 12.38 -19.81 -24.57
CA ILE B 352 12.04 -20.55 -25.76
C ILE B 352 11.06 -19.69 -26.52
N LYS B 353 11.46 -19.23 -27.71
CA LYS B 353 10.56 -18.45 -28.55
C LYS B 353 9.77 -19.54 -29.25
N VAL B 354 8.44 -19.48 -29.16
CA VAL B 354 7.65 -20.49 -29.83
C VAL B 354 7.12 -19.88 -31.13
N ASN B 355 7.72 -20.31 -32.23
CA ASN B 355 7.35 -19.83 -33.56
C ASN B 355 6.31 -20.76 -34.18
N GLU B 356 6.66 -22.03 -34.34
CA GLU B 356 5.77 -23.05 -34.89
C GLU B 356 5.97 -24.38 -34.15
N ARG B 357 5.05 -24.72 -33.26
CA ARG B 357 5.19 -25.97 -32.52
C ARG B 357 5.23 -27.16 -33.45
N ALA B 358 4.40 -27.11 -34.49
CA ALA B 358 4.33 -28.20 -35.45
C ALA B 358 5.71 -28.63 -35.93
N LYS B 359 6.59 -27.65 -36.10
CA LYS B 359 7.93 -27.90 -36.58
C LYS B 359 8.93 -28.42 -35.56
N GLY B 360 8.49 -28.70 -34.34
CA GLY B 360 9.42 -29.21 -33.33
C GLY B 360 10.62 -28.31 -33.12
N LEU B 361 11.79 -28.91 -32.90
CA LEU B 361 12.98 -28.13 -32.64
C LEU B 361 13.17 -27.00 -33.63
N GLU B 362 12.69 -27.16 -34.85
CA GLU B 362 12.86 -26.13 -35.85
C GLU B 362 11.86 -25.01 -35.71
N GLY B 363 10.85 -25.21 -34.89
CA GLY B 363 9.85 -24.17 -34.74
C GLY B 363 10.10 -23.27 -33.56
N ILE B 364 11.24 -23.46 -32.89
CA ILE B 364 11.51 -22.66 -31.71
C ILE B 364 12.94 -22.15 -31.63
N ASN B 365 13.10 -20.86 -31.33
CA ASN B 365 14.44 -20.31 -31.14
C ASN B 365 14.69 -20.39 -29.65
N SER B 366 15.77 -21.05 -29.25
CA SER B 366 16.09 -21.14 -27.84
C SER B 366 17.55 -21.47 -27.57
N PRO B 367 18.25 -20.55 -26.89
CA PRO B 367 19.66 -20.75 -26.57
C PRO B 367 19.82 -21.94 -25.64
N VAL B 368 18.69 -22.50 -25.20
CA VAL B 368 18.73 -23.63 -24.31
C VAL B 368 18.27 -24.95 -24.99
N ALA B 369 17.80 -24.83 -26.24
CA ALA B 369 17.36 -25.99 -27.00
C ALA B 369 18.44 -27.07 -27.02
N LYS B 370 19.68 -26.66 -27.29
CA LYS B 370 20.82 -27.57 -27.36
C LYS B 370 20.97 -28.44 -26.13
N PHE B 371 20.39 -28.04 -25.01
CA PHE B 371 20.53 -28.83 -23.81
C PHE B 371 19.32 -29.72 -23.64
N LEU B 372 18.30 -29.44 -24.41
CA LEU B 372 17.07 -30.22 -24.36
C LEU B 372 16.97 -31.11 -25.60
N ASN B 373 15.76 -31.58 -25.86
CA ASN B 373 15.51 -32.41 -27.02
C ASN B 373 14.06 -32.20 -27.35
N ALA B 374 13.67 -32.54 -28.57
CA ALA B 374 12.29 -32.38 -29.04
C ALA B 374 11.23 -32.84 -28.05
N GLU B 375 11.47 -33.97 -27.39
CA GLU B 375 10.50 -34.52 -26.44
C GLU B 375 10.22 -33.57 -25.28
N ILE B 376 11.30 -33.24 -24.58
CA ILE B 376 11.28 -32.35 -23.43
C ILE B 376 10.57 -31.03 -23.80
N ILE B 377 10.98 -30.45 -24.92
CA ILE B 377 10.40 -29.19 -25.35
C ILE B 377 8.92 -29.35 -25.65
N GLU B 378 8.52 -30.46 -26.25
CA GLU B 378 7.12 -30.65 -26.55
C GLU B 378 6.35 -30.80 -25.25
N ASP B 379 6.96 -31.46 -24.28
CA ASP B 379 6.32 -31.65 -23.00
C ASP B 379 6.16 -30.30 -22.31
N ILE B 380 7.24 -29.52 -22.28
CA ILE B 380 7.21 -28.21 -21.68
C ILE B 380 6.12 -27.35 -22.34
N LEU B 381 6.13 -27.32 -23.67
CA LEU B 381 5.13 -26.57 -24.42
C LEU B 381 3.70 -27.02 -24.14
N ASP B 382 3.52 -28.32 -23.92
CA ASP B 382 2.17 -28.79 -23.62
C ASP B 382 1.73 -28.42 -22.23
N ARG B 383 2.62 -28.58 -21.26
CA ARG B 383 2.24 -28.26 -19.90
C ARG B 383 2.02 -26.75 -19.73
N THR B 384 2.72 -25.94 -20.52
CA THR B 384 2.52 -24.50 -20.43
C THR B 384 1.43 -24.09 -21.41
N ALA B 385 0.98 -25.05 -22.22
CA ALA B 385 -0.04 -24.78 -23.23
C ALA B 385 0.45 -23.64 -24.12
N ALA B 386 1.72 -23.70 -24.47
CA ALA B 386 2.30 -22.68 -25.32
C ALA B 386 1.65 -22.64 -26.70
N GLN B 387 1.56 -21.45 -27.27
CA GLN B 387 0.97 -21.29 -28.58
C GLN B 387 1.96 -20.62 -29.51
N ASP B 388 1.77 -20.81 -30.82
CA ASP B 388 2.66 -20.19 -31.79
C ASP B 388 2.71 -18.69 -31.52
N GLY B 389 3.92 -18.14 -31.49
CA GLY B 389 4.11 -16.72 -31.22
C GLY B 389 4.34 -16.38 -29.75
N ASP B 390 4.22 -17.36 -28.86
CA ASP B 390 4.44 -17.13 -27.42
C ASP B 390 5.91 -17.27 -27.11
N MET B 391 6.24 -16.92 -25.87
CA MET B 391 7.59 -17.02 -25.36
C MET B 391 7.44 -17.74 -24.06
N ILE B 392 8.41 -18.59 -23.72
CA ILE B 392 8.43 -19.32 -22.44
C ILE B 392 9.74 -18.88 -21.76
N PHE B 393 9.65 -18.36 -20.53
CA PHE B 393 10.85 -17.99 -19.78
C PHE B 393 11.00 -19.00 -18.67
N PHE B 394 12.23 -19.23 -18.23
CA PHE B 394 12.47 -20.20 -17.18
C PHE B 394 13.18 -19.65 -15.95
N GLY B 395 12.72 -20.12 -14.79
CA GLY B 395 13.36 -19.75 -13.55
C GLY B 395 13.85 -21.06 -13.01
N ALA B 396 15.15 -21.21 -12.84
CA ALA B 396 15.70 -22.47 -12.31
C ALA B 396 16.65 -22.16 -11.15
N ASP B 397 16.14 -22.39 -9.93
CA ASP B 397 16.93 -22.22 -8.68
C ASP B 397 16.23 -22.83 -7.45
N ASN B 398 16.71 -22.37 -6.29
CA ASN B 398 16.14 -22.73 -4.98
C ASN B 398 14.68 -22.24 -5.05
N LYS B 399 13.70 -22.61 -4.51
CA LYS B 399 12.32 -22.14 -4.48
C LYS B 399 12.07 -20.65 -4.37
N LYS B 400 12.79 -20.00 -3.47
CA LYS B 400 12.64 -18.58 -3.26
C LYS B 400 13.06 -17.75 -4.49
N ILE B 401 14.27 -17.97 -5.00
CA ILE B 401 14.71 -17.19 -6.14
C ILE B 401 13.75 -17.34 -7.32
N VAL B 402 13.33 -18.57 -7.60
CA VAL B 402 12.40 -18.83 -8.70
C VAL B 402 11.11 -18.07 -8.53
N ALA B 403 10.52 -18.14 -7.34
CA ALA B 403 9.28 -17.43 -7.07
C ALA B 403 9.49 -15.90 -7.16
N ASP B 404 10.53 -15.39 -6.52
CA ASP B 404 10.79 -13.96 -6.54
C ASP B 404 11.05 -13.47 -7.95
N ALA B 405 12.00 -14.11 -8.64
CA ALA B 405 12.36 -13.73 -10.00
C ALA B 405 11.25 -13.93 -11.01
N MET B 406 10.60 -15.10 -10.97
CA MET B 406 9.54 -15.38 -11.93
C MET B 406 8.23 -14.70 -11.58
N GLY B 407 7.96 -14.54 -10.30
CA GLY B 407 6.74 -13.84 -9.90
C GLY B 407 6.87 -12.39 -10.32
N ALA B 408 8.05 -11.83 -10.10
CA ALA B 408 8.32 -10.44 -10.45
C ALA B 408 8.29 -10.26 -11.97
N LEU B 409 8.87 -11.21 -12.71
CA LEU B 409 8.91 -11.15 -14.17
C LEU B 409 7.50 -11.24 -14.68
N ARG B 410 6.75 -12.11 -14.07
CA ARG B 410 5.38 -12.29 -14.44
C ARG B 410 4.66 -10.95 -14.47
N LEU B 411 4.77 -10.20 -13.36
CA LEU B 411 4.10 -8.91 -13.25
C LEU B 411 4.62 -7.90 -14.25
N LYS B 412 5.93 -7.80 -14.33
CA LYS B 412 6.53 -6.84 -15.22
C LYS B 412 6.07 -7.08 -16.66
N VAL B 413 6.18 -8.33 -17.13
CA VAL B 413 5.79 -8.65 -18.50
C VAL B 413 4.32 -8.35 -18.75
N GLY B 414 3.48 -8.66 -17.78
CA GLY B 414 2.06 -8.40 -17.92
C GLY B 414 1.78 -6.92 -18.16
N LYS B 415 2.54 -6.05 -17.50
CA LYS B 415 2.37 -4.62 -17.69
C LYS B 415 2.99 -4.23 -19.03
N ASP B 416 4.21 -4.69 -19.28
CA ASP B 416 4.91 -4.37 -20.53
C ASP B 416 4.11 -4.71 -21.77
N LEU B 417 3.51 -5.89 -21.79
CA LEU B 417 2.75 -6.34 -22.94
C LEU B 417 1.27 -6.07 -22.83
N GLY B 418 0.88 -5.29 -21.83
CA GLY B 418 -0.53 -4.98 -21.66
C GLY B 418 -1.42 -6.20 -21.52
N LEU B 419 -0.92 -7.27 -20.91
CA LEU B 419 -1.73 -8.48 -20.74
C LEU B 419 -2.61 -8.40 -19.49
N THR B 420 -2.21 -7.54 -18.56
CA THR B 420 -2.91 -7.35 -17.30
C THR B 420 -4.13 -6.45 -17.41
N ASP B 421 -5.31 -6.97 -17.10
CA ASP B 421 -6.53 -6.16 -17.16
C ASP B 421 -6.54 -5.10 -16.06
N GLU B 422 -6.01 -3.92 -16.40
CA GLU B 422 -5.90 -2.79 -15.49
C GLU B 422 -7.21 -2.37 -14.82
N SER B 423 -8.30 -2.45 -15.58
CA SER B 423 -9.61 -2.06 -15.07
C SER B 423 -10.11 -2.90 -13.90
N LYS B 424 -10.07 -4.22 -14.08
CA LYS B 424 -10.54 -5.20 -13.10
C LYS B 424 -10.13 -4.99 -11.62
N TRP B 425 -10.95 -5.48 -10.70
CA TRP B 425 -10.66 -5.43 -9.28
C TRP B 425 -10.44 -6.87 -8.89
N ALA B 426 -9.30 -7.16 -8.29
CA ALA B 426 -8.99 -8.54 -7.94
C ALA B 426 -8.65 -8.76 -6.47
N PRO B 427 -9.68 -8.89 -5.63
CA PRO B 427 -9.41 -9.12 -4.20
C PRO B 427 -9.31 -10.61 -3.95
N LEU B 428 -8.59 -10.98 -2.90
CA LEU B 428 -8.51 -12.39 -2.53
C LEU B 428 -7.92 -12.53 -1.15
N TRP B 429 -8.12 -13.70 -0.58
CA TRP B 429 -7.54 -13.96 0.71
C TRP B 429 -6.44 -14.99 0.45
N VAL B 430 -5.31 -14.78 1.06
CA VAL B 430 -4.24 -15.76 1.01
C VAL B 430 -4.15 -16.32 2.41
N ILE B 431 -4.38 -17.60 2.51
CA ILE B 431 -4.39 -18.24 3.81
C ILE B 431 -3.42 -19.39 3.89
N ASP B 432 -3.30 -19.95 5.08
CA ASP B 432 -2.41 -21.07 5.26
C ASP B 432 -0.96 -20.70 5.01
N PHE B 433 -0.53 -19.55 5.51
CA PHE B 433 0.85 -19.16 5.38
C PHE B 433 1.61 -20.07 6.33
N PRO B 434 2.91 -20.25 6.10
CA PRO B 434 3.74 -21.10 6.97
C PRO B 434 3.84 -20.36 8.30
N MET B 435 4.08 -21.08 9.39
CA MET B 435 4.25 -20.47 10.69
C MET B 435 5.60 -19.74 10.66
N PHE B 436 6.59 -20.40 10.09
CA PHE B 436 7.93 -19.87 10.07
C PHE B 436 8.62 -19.73 8.72
N GLU B 437 9.71 -18.97 8.76
CA GLU B 437 10.52 -18.67 7.60
C GLU B 437 11.99 -18.88 7.96
N ASP B 438 12.74 -19.49 7.05
CA ASP B 438 14.16 -19.75 7.26
C ASP B 438 14.84 -18.40 7.45
N ASP B 439 15.73 -18.29 8.42
CA ASP B 439 16.41 -17.02 8.64
C ASP B 439 17.78 -16.94 7.98
N GLY B 440 18.11 -17.96 7.19
CA GLY B 440 19.38 -17.99 6.49
C GLY B 440 20.59 -18.31 7.36
N GLU B 441 20.36 -18.39 8.66
CA GLU B 441 21.43 -18.67 9.61
C GLU B 441 21.12 -19.94 10.42
N GLY B 442 20.40 -20.86 9.81
CA GLY B 442 20.07 -22.09 10.50
C GLY B 442 18.83 -21.95 11.38
N GLY B 443 18.31 -20.74 11.54
CA GLY B 443 17.14 -20.56 12.37
C GLY B 443 15.81 -20.29 11.67
N LEU B 444 14.77 -20.13 12.47
CA LEU B 444 13.45 -19.86 11.93
C LEU B 444 12.95 -18.54 12.48
N THR B 445 12.23 -17.80 11.66
CA THR B 445 11.69 -16.52 12.05
C THR B 445 10.18 -16.56 11.77
N ALA B 446 9.41 -15.76 12.51
CA ALA B 446 7.96 -15.75 12.35
C ALA B 446 7.48 -15.18 11.02
N MET B 447 6.72 -15.96 10.27
CA MET B 447 6.20 -15.51 8.99
C MET B 447 5.41 -14.21 9.15
N HIS B 448 4.50 -14.17 10.11
CA HIS B 448 3.69 -12.98 10.38
C HIS B 448 4.20 -12.35 11.69
N HIS B 449 3.99 -13.02 12.83
CA HIS B 449 4.52 -12.56 14.12
C HIS B 449 4.45 -13.71 15.10
N PRO B 450 5.30 -13.68 16.14
CA PRO B 450 5.39 -14.71 17.17
C PRO B 450 4.11 -15.12 17.86
N PHE B 451 3.06 -14.31 17.76
CA PHE B 451 1.82 -14.59 18.47
C PHE B 451 0.77 -15.21 17.61
N THR B 452 1.22 -15.71 16.47
CA THR B 452 0.33 -16.35 15.54
C THR B 452 0.19 -17.82 15.87
N SER B 453 -1.05 -18.24 15.98
CA SER B 453 -1.34 -19.62 16.28
C SER B 453 -1.11 -20.54 15.06
N PRO B 454 -0.60 -21.77 15.30
CA PRO B 454 -0.37 -22.72 14.20
C PRO B 454 -1.76 -23.25 13.85
N LYS B 455 -2.00 -23.60 12.58
CA LYS B 455 -3.33 -24.06 12.18
C LYS B 455 -3.90 -25.24 12.94
N ASP B 456 -3.24 -26.39 12.93
CA ASP B 456 -3.79 -27.51 13.68
C ASP B 456 -2.69 -28.36 14.27
N MET B 457 -1.95 -27.78 15.20
CA MET B 457 -0.86 -28.49 15.83
C MET B 457 -0.82 -28.16 17.31
N THR B 458 -0.24 -29.07 18.07
CA THR B 458 -0.09 -28.86 19.50
C THR B 458 1.29 -28.24 19.65
N ALA B 459 1.58 -27.69 20.82
CA ALA B 459 2.90 -27.11 21.03
C ALA B 459 3.97 -28.17 20.73
N ALA B 460 3.77 -29.36 21.28
CA ALA B 460 4.71 -30.46 21.09
C ALA B 460 4.89 -30.73 19.60
N GLU B 461 3.77 -30.81 18.89
CA GLU B 461 3.82 -31.05 17.46
C GLU B 461 4.61 -29.95 16.75
N LEU B 462 4.25 -28.69 17.01
CA LEU B 462 4.93 -27.55 16.40
C LEU B 462 6.43 -27.64 16.66
N LYS B 463 6.78 -27.96 17.90
CA LYS B 463 8.19 -28.07 18.26
C LYS B 463 8.89 -29.21 17.53
N ALA B 464 8.16 -30.29 17.31
CA ALA B 464 8.74 -31.44 16.62
C ALA B 464 8.90 -31.20 15.12
N ALA B 465 7.93 -30.50 14.52
CA ALA B 465 7.97 -30.20 13.08
C ALA B 465 7.59 -28.75 12.82
N PRO B 466 8.48 -27.81 13.14
CA PRO B 466 8.21 -26.39 12.94
C PRO B 466 8.33 -25.84 11.52
N GLU B 467 9.37 -26.24 10.79
CA GLU B 467 9.58 -25.71 9.44
C GLU B 467 8.40 -25.82 8.48
N ASN B 468 7.61 -26.88 8.62
CA ASN B 468 6.48 -27.10 7.73
C ASN B 468 5.12 -26.65 8.29
N ALA B 469 5.08 -26.33 9.58
CA ALA B 469 3.83 -25.95 10.23
C ALA B 469 3.11 -24.82 9.53
N VAL B 470 1.79 -25.00 9.40
CA VAL B 470 0.92 -24.03 8.76
C VAL B 470 0.35 -23.11 9.84
N ALA B 471 0.47 -21.81 9.61
CA ALA B 471 -0.04 -20.85 10.55
C ALA B 471 -1.51 -20.63 10.27
N ASN B 472 -2.21 -20.14 11.28
CA ASN B 472 -3.62 -19.81 11.11
C ASN B 472 -3.58 -18.29 10.92
N ALA B 473 -2.95 -17.88 9.82
CA ALA B 473 -2.76 -16.48 9.45
C ALA B 473 -3.30 -16.26 8.06
N TYR B 474 -3.60 -15.01 7.74
CA TYR B 474 -4.18 -14.68 6.45
C TYR B 474 -3.94 -13.25 6.01
N ASP B 475 -3.73 -13.03 4.71
CA ASP B 475 -3.57 -11.68 4.20
C ASP B 475 -4.71 -11.41 3.24
N MET B 476 -5.09 -10.15 3.13
CA MET B 476 -6.09 -9.79 2.15
C MET B 476 -5.25 -9.06 1.14
N VAL B 477 -5.41 -9.42 -0.14
CA VAL B 477 -4.67 -8.73 -1.15
C VAL B 477 -5.62 -8.27 -2.23
N ILE B 478 -5.38 -7.08 -2.75
CA ILE B 478 -6.21 -6.56 -3.80
C ILE B 478 -5.28 -6.06 -4.89
N ASN B 479 -5.48 -6.56 -6.11
CA ASN B 479 -4.68 -6.16 -7.26
C ASN B 479 -3.19 -6.26 -6.95
N GLY B 480 -2.77 -7.37 -6.35
CA GLY B 480 -1.37 -7.57 -6.04
C GLY B 480 -0.80 -6.75 -4.89
N TYR B 481 -1.67 -6.12 -4.12
CA TYR B 481 -1.21 -5.34 -2.97
C TYR B 481 -1.65 -6.07 -1.71
N GLU B 482 -0.77 -6.15 -0.73
CA GLU B 482 -1.15 -6.73 0.56
C GLU B 482 -1.81 -5.55 1.28
N VAL B 483 -3.12 -5.59 1.44
CA VAL B 483 -3.82 -4.48 2.07
C VAL B 483 -4.14 -4.73 3.53
N GLY B 484 -3.96 -5.96 3.98
CA GLY B 484 -4.24 -6.29 5.36
C GLY B 484 -3.77 -7.69 5.65
N GLY B 485 -3.64 -8.02 6.93
CA GLY B 485 -3.21 -9.35 7.27
C GLY B 485 -3.45 -9.58 8.76
N GLY B 486 -3.59 -10.83 9.13
CA GLY B 486 -3.82 -11.14 10.52
C GLY B 486 -3.67 -12.61 10.77
N SER B 487 -4.04 -13.04 11.98
CA SER B 487 -3.95 -14.43 12.33
C SER B 487 -4.75 -14.66 13.59
N VAL B 488 -5.00 -15.92 13.85
CA VAL B 488 -5.61 -16.31 15.10
C VAL B 488 -4.46 -16.31 16.08
N ARG B 489 -4.66 -15.76 17.24
CA ARG B 489 -3.56 -15.68 18.18
C ARG B 489 -3.44 -16.90 19.07
N ILE B 490 -2.26 -17.05 19.65
CA ILE B 490 -1.95 -18.10 20.58
C ILE B 490 -2.55 -17.67 21.94
N HIS B 491 -3.47 -18.46 22.49
CA HIS B 491 -4.06 -18.10 23.77
C HIS B 491 -3.59 -19.01 24.88
N ASN B 492 -2.53 -19.75 24.60
CA ASN B 492 -1.96 -20.67 25.58
C ASN B 492 -0.49 -20.42 25.82
N GLY B 493 -0.17 -20.16 27.09
CA GLY B 493 1.20 -19.86 27.47
C GLY B 493 2.23 -20.87 27.02
N ASP B 494 1.87 -22.15 27.09
CA ASP B 494 2.79 -23.20 26.71
C ASP B 494 3.14 -23.08 25.21
N MET B 495 2.12 -22.83 24.40
CA MET B 495 2.32 -22.67 22.99
C MET B 495 3.15 -21.38 22.68
N GLN B 496 2.85 -20.29 23.39
CA GLN B 496 3.56 -19.05 23.15
C GLN B 496 5.03 -19.27 23.43
N GLN B 497 5.27 -19.90 24.56
CA GLN B 497 6.60 -20.22 25.01
C GLN B 497 7.29 -21.15 23.98
N THR B 498 6.54 -22.13 23.46
CA THR B 498 7.12 -23.04 22.49
C THR B 498 7.54 -22.27 21.23
N VAL B 499 6.69 -21.37 20.77
CA VAL B 499 7.01 -20.58 19.59
C VAL B 499 8.26 -19.74 19.86
N PHE B 500 8.33 -19.08 21.02
CA PHE B 500 9.50 -18.26 21.33
C PHE B 500 10.76 -19.10 21.24
N GLY B 501 10.67 -20.34 21.73
CA GLY B 501 11.82 -21.24 21.70
C GLY B 501 12.24 -21.60 20.28
N ILE B 502 11.25 -21.88 19.43
CA ILE B 502 11.55 -22.21 18.05
C ILE B 502 12.25 -21.02 17.42
N LEU B 503 11.83 -19.82 17.80
CA LEU B 503 12.39 -18.60 17.26
C LEU B 503 13.78 -18.28 17.80
N GLY B 504 14.28 -19.12 18.70
CA GLY B 504 15.60 -18.90 19.27
C GLY B 504 15.63 -17.89 20.40
N ILE B 505 14.47 -17.59 20.96
CA ILE B 505 14.40 -16.64 22.05
C ILE B 505 14.52 -17.44 23.33
N ASN B 506 15.65 -17.29 24.03
CA ASN B 506 15.87 -18.02 25.28
C ASN B 506 14.94 -17.54 26.40
N GLU B 507 14.89 -18.31 27.48
CA GLU B 507 14.05 -17.99 28.62
C GLU B 507 14.22 -16.57 29.10
N GLU B 508 15.47 -16.17 29.32
CA GLU B 508 15.81 -14.82 29.78
C GLU B 508 15.13 -13.77 28.91
N GLU B 509 15.38 -13.84 27.61
CA GLU B 509 14.79 -12.89 26.69
C GLU B 509 13.27 -12.99 26.69
N GLN B 510 12.73 -14.20 26.86
CA GLN B 510 11.29 -14.36 26.89
C GLN B 510 10.70 -13.59 28.04
N ARG B 511 11.21 -13.85 29.24
CA ARG B 511 10.75 -13.16 30.44
C ARG B 511 11.02 -11.66 30.33
N GLU B 512 12.22 -11.34 29.88
CA GLU B 512 12.62 -9.96 29.74
C GLU B 512 11.70 -9.18 28.83
N LYS B 513 11.52 -9.67 27.61
CA LYS B 513 10.73 -9.00 26.59
C LYS B 513 9.24 -9.27 26.49
N PHE B 514 8.81 -10.48 26.85
CA PHE B 514 7.39 -10.83 26.74
C PHE B 514 6.82 -11.41 28.03
N GLY B 515 7.51 -11.14 29.14
CA GLY B 515 7.05 -11.63 30.43
C GLY B 515 5.62 -11.21 30.72
N PHE B 516 5.31 -9.95 30.47
CA PHE B 516 3.97 -9.45 30.75
C PHE B 516 2.96 -10.20 29.90
N LEU B 517 3.36 -10.59 28.70
CA LEU B 517 2.46 -11.34 27.81
C LEU B 517 2.31 -12.77 28.34
N LEU B 518 3.43 -13.42 28.61
CA LEU B 518 3.36 -14.78 29.15
C LEU B 518 2.54 -14.78 30.43
N ASP B 519 2.72 -13.77 31.27
CA ASP B 519 1.96 -13.73 32.50
C ASP B 519 0.49 -13.51 32.26
N ALA B 520 0.19 -12.59 31.35
CA ALA B 520 -1.19 -12.29 31.02
C ALA B 520 -1.91 -13.55 30.54
N LEU B 521 -1.21 -14.39 29.79
CA LEU B 521 -1.79 -15.62 29.26
C LEU B 521 -2.24 -16.60 30.33
N LYS B 522 -1.82 -16.37 31.57
CA LYS B 522 -2.17 -17.26 32.66
C LYS B 522 -3.52 -16.99 33.27
N TYR B 523 -4.19 -15.90 32.86
CA TYR B 523 -5.46 -15.58 33.50
C TYR B 523 -6.73 -15.62 32.69
N GLY B 524 -7.13 -16.83 32.30
CA GLY B 524 -8.35 -17.00 31.53
C GLY B 524 -8.32 -16.22 30.25
N THR B 525 -7.32 -16.46 29.42
CA THR B 525 -7.28 -15.71 28.18
C THR B 525 -8.17 -16.41 27.17
N PRO B 526 -9.04 -15.64 26.53
CA PRO B 526 -9.98 -16.16 25.54
C PRO B 526 -9.30 -16.38 24.20
N PRO B 527 -9.89 -17.23 23.36
CA PRO B 527 -9.24 -17.42 22.07
C PRO B 527 -9.42 -16.06 21.36
N HIS B 528 -8.45 -15.61 20.60
CA HIS B 528 -8.63 -14.31 19.95
C HIS B 528 -7.92 -14.24 18.62
N ALA B 529 -8.38 -13.34 17.78
CA ALA B 529 -7.84 -13.22 16.45
C ALA B 529 -8.19 -11.87 15.93
N GLY B 530 -7.36 -11.38 15.03
CA GLY B 530 -7.64 -10.08 14.48
C GLY B 530 -6.97 -9.89 13.15
N LEU B 531 -6.85 -8.64 12.76
CA LEU B 531 -6.27 -8.29 11.49
C LEU B 531 -6.07 -6.81 11.46
N ALA B 532 -5.22 -6.37 10.55
CA ALA B 532 -4.98 -4.95 10.40
C ALA B 532 -4.82 -4.66 8.92
N PHE B 533 -5.35 -3.53 8.51
CA PHE B 533 -5.28 -3.09 7.13
C PHE B 533 -4.34 -1.91 7.06
N GLY B 534 -3.80 -1.71 5.90
CA GLY B 534 -2.99 -0.54 5.65
C GLY B 534 -3.97 0.49 5.11
N LEU B 535 -4.31 1.45 5.95
CA LEU B 535 -5.28 2.47 5.54
C LEU B 535 -4.77 3.20 4.31
N ASP B 536 -3.46 3.50 4.32
CA ASP B 536 -2.82 4.20 3.22
C ASP B 536 -2.97 3.39 1.95
N ARG B 537 -2.67 2.11 2.03
CA ARG B 537 -2.80 1.27 0.85
C ARG B 537 -4.24 1.16 0.43
N LEU B 538 -5.16 1.06 1.37
CA LEU B 538 -6.56 0.99 0.97
C LEU B 538 -6.91 2.28 0.24
N THR B 539 -6.40 3.39 0.73
CA THR B 539 -6.71 4.67 0.13
C THR B 539 -6.09 4.86 -1.25
N MET B 540 -4.88 4.32 -1.42
CA MET B 540 -4.18 4.39 -2.70
C MET B 540 -5.04 3.67 -3.73
N LEU B 541 -5.49 2.48 -3.36
CA LEU B 541 -6.31 1.67 -4.23
C LEU B 541 -7.60 2.43 -4.55
N LEU B 542 -8.25 2.95 -3.51
CA LEU B 542 -9.49 3.68 -3.69
C LEU B 542 -9.42 5.03 -4.39
N THR B 543 -8.22 5.61 -4.52
CA THR B 543 -8.09 6.90 -5.17
C THR B 543 -7.23 6.74 -6.41
N GLY B 544 -6.86 5.50 -6.70
CA GLY B 544 -6.10 5.23 -7.89
C GLY B 544 -4.68 5.73 -8.01
N THR B 545 -3.95 5.86 -6.91
CA THR B 545 -2.54 6.27 -6.99
C THR B 545 -1.74 5.00 -6.75
N ASP B 546 -0.51 4.99 -7.24
CA ASP B 546 0.40 3.87 -7.09
C ASP B 546 1.46 4.36 -6.12
N ASN B 547 1.19 5.49 -5.52
CA ASN B 547 2.14 6.14 -4.64
C ASN B 547 1.47 6.41 -3.30
N ILE B 548 2.03 5.85 -2.24
CA ILE B 548 1.50 5.99 -0.91
C ILE B 548 1.59 7.44 -0.45
N ARG B 549 2.56 8.17 -0.97
CA ARG B 549 2.71 9.56 -0.61
C ARG B 549 1.47 10.37 -0.99
N ASP B 550 0.81 9.99 -2.06
CA ASP B 550 -0.37 10.74 -2.50
C ASP B 550 -1.55 10.66 -1.55
N VAL B 551 -1.57 9.69 -0.65
CA VAL B 551 -2.68 9.59 0.28
C VAL B 551 -2.31 9.98 1.71
N ILE B 552 -1.18 10.65 1.84
CA ILE B 552 -0.72 11.10 3.14
C ILE B 552 -0.48 12.60 3.06
N ALA B 553 -1.09 13.34 3.97
CA ALA B 553 -0.92 14.80 3.94
C ALA B 553 0.54 15.21 3.92
N PHE B 554 1.30 14.68 4.85
CA PHE B 554 2.70 15.04 4.96
C PHE B 554 3.56 13.80 5.09
N PRO B 555 3.82 13.11 3.96
CA PRO B 555 4.62 11.91 3.97
C PRO B 555 6.10 12.21 4.04
N LYS B 556 6.88 11.16 4.20
CA LYS B 556 8.33 11.23 4.28
C LYS B 556 8.94 10.86 2.94
N THR B 557 10.17 11.33 2.68
CA THR B 557 10.87 10.99 1.43
C THR B 557 11.47 9.63 1.71
N THR B 558 12.16 9.06 0.71
CA THR B 558 12.81 7.76 0.85
C THR B 558 13.92 7.82 1.90
N ALA B 559 14.31 9.03 2.30
CA ALA B 559 15.34 9.16 3.33
C ALA B 559 14.67 9.40 4.69
N ALA B 560 13.40 9.06 4.80
CA ALA B 560 12.65 9.24 6.05
C ALA B 560 12.61 10.72 6.46
N ALA B 561 12.70 11.60 5.47
CA ALA B 561 12.69 13.03 5.73
C ALA B 561 11.41 13.71 5.39
N CYS B 562 11.12 14.78 6.14
CA CYS B 562 9.97 15.61 5.87
C CYS B 562 10.61 16.81 5.19
N LEU B 563 10.51 16.88 3.88
CA LEU B 563 11.09 17.98 3.14
C LEU B 563 10.36 19.27 3.50
N MET B 564 9.10 19.18 3.88
CA MET B 564 8.38 20.40 4.20
C MET B 564 8.87 21.09 5.48
N THR B 565 9.21 20.31 6.51
CA THR B 565 9.66 20.87 7.78
C THR B 565 11.15 20.70 8.07
N GLU B 566 11.81 19.84 7.30
CA GLU B 566 13.23 19.59 7.48
C GLU B 566 13.52 18.74 8.69
N ALA B 567 12.78 17.64 8.77
CA ALA B 567 12.92 16.66 9.83
C ALA B 567 13.50 15.43 9.17
N PRO B 568 14.39 14.71 9.86
CA PRO B 568 14.85 15.00 11.22
C PRO B 568 15.92 16.10 11.23
N SER B 569 16.28 16.54 12.43
CA SER B 569 17.27 17.59 12.55
C SER B 569 18.24 17.37 13.72
N PHE B 570 19.37 18.08 13.69
CA PHE B 570 20.34 17.94 14.76
C PHE B 570 19.64 18.33 16.05
N ALA B 571 20.01 17.67 17.14
CA ALA B 571 19.38 17.95 18.43
C ALA B 571 20.11 18.99 19.24
N ASN B 572 19.38 19.58 20.16
CA ASN B 572 19.95 20.55 21.08
C ASN B 572 20.66 19.70 22.13
N PRO B 573 21.97 19.95 22.34
CA PRO B 573 22.79 19.22 23.32
C PRO B 573 22.23 19.21 24.73
N THR B 574 21.45 20.24 25.06
CA THR B 574 20.85 20.32 26.37
C THR B 574 19.82 19.21 26.47
N ALA B 575 19.18 18.93 25.35
CA ALA B 575 18.17 17.88 25.30
C ALA B 575 18.82 16.52 25.40
N LEU B 576 19.90 16.32 24.64
CA LEU B 576 20.58 15.03 24.67
C LEU B 576 21.15 14.79 26.06
N ALA B 577 21.56 15.87 26.72
CA ALA B 577 22.13 15.74 28.05
C ALA B 577 21.08 15.31 29.05
N GLU B 578 19.90 15.89 28.98
CA GLU B 578 18.91 15.49 29.96
C GLU B 578 18.36 14.12 29.65
N LEU B 579 18.63 13.62 28.44
CA LEU B 579 18.18 12.30 28.02
C LEU B 579 19.35 11.32 28.17
N SER B 580 20.43 11.80 28.77
CA SER B 580 21.61 10.98 29.02
C SER B 580 22.15 10.21 27.84
N ILE B 581 22.10 10.79 26.64
CA ILE B 581 22.63 10.12 25.45
C ILE B 581 23.48 11.11 24.68
N GLN B 582 24.25 10.61 23.73
CA GLN B 582 25.06 11.48 22.89
C GLN B 582 25.28 10.80 21.57
N VAL B 583 25.59 11.61 20.57
CA VAL B 583 25.86 11.11 19.24
C VAL B 583 27.29 10.57 19.31
N VAL B 584 27.54 9.39 18.78
CA VAL B 584 28.88 8.82 18.81
C VAL B 584 29.82 9.49 17.82
N LYS B 585 31.06 9.71 18.25
CA LYS B 585 32.09 10.35 17.41
C LYS B 585 32.27 9.61 16.07
S SO4 C . 24.19 9.02 -5.60
O1 SO4 C . 23.06 9.49 -6.45
O2 SO4 C . 23.81 9.15 -4.16
O3 SO4 C . 25.40 9.86 -5.85
O4 SO4 C . 24.45 7.59 -5.92
P AMP D . 24.77 -20.57 -20.39
O1P AMP D . 25.21 -21.98 -20.59
O2P AMP D . 25.43 -19.72 -19.35
O3P AMP D . 24.85 -19.81 -21.80
O5' AMP D . 23.20 -20.54 -20.11
C5' AMP D . 22.27 -21.13 -21.02
C4' AMP D . 20.92 -20.45 -20.91
O4' AMP D . 20.42 -20.65 -19.56
C3' AMP D . 20.91 -18.94 -21.13
O3' AMP D . 19.62 -18.56 -21.60
C2' AMP D . 21.10 -18.40 -19.72
O2' AMP D . 20.61 -17.08 -19.56
C1' AMP D . 20.26 -19.41 -18.92
N9 AMP D . 20.72 -19.56 -17.55
C8 AMP D . 22.00 -19.62 -17.07
N7 AMP D . 22.09 -19.78 -15.78
C5 AMP D . 20.76 -19.83 -15.36
C6 AMP D . 20.17 -19.99 -14.09
N6 AMP D . 20.86 -20.14 -12.96
N1 AMP D . 18.82 -20.00 -14.02
C2 AMP D . 18.12 -19.86 -15.16
N3 AMP D . 18.56 -19.70 -16.41
C4 AMP D . 19.91 -19.70 -16.44
P AMO E . 0.85 -6.13 9.21
O1P AMO E . 2.38 -6.29 9.14
O2P AMO E . -0.04 -7.17 8.49
O3P AMO E . 0.38 -6.74 10.71
O5' AMO E . 0.41 -4.66 8.72
C5' AMO E . -0.97 -4.38 8.36
C4' AMO E . -1.06 -3.75 6.98
O4' AMO E . -0.44 -2.45 7.00
C1' AMO E . 0.13 -2.17 5.73
N9 AMO E . 1.54 -1.80 5.95
C4 AMO E . 2.17 -0.65 5.52
N3 AMO E . 1.65 0.35 4.81
C2 AMO E . 2.56 1.31 4.60
N1 AMO E . 3.84 1.36 4.98
C6 AMO E . 4.33 0.33 5.71
N6 AMO E . 5.60 0.39 6.13
C5 AMO E . 3.47 -0.75 5.99
N7 AMO E . 3.65 -1.93 6.68
C8 AMO E . 2.48 -2.52 6.64
C2' AMO E . -0.08 -3.39 4.84
C3' AMO E . -0.31 -4.48 5.87
O3' AMO E . -1.06 -5.55 5.30
N AMO E . -0.30 -6.83 14.08
CA AMO E . -0.43 -7.24 12.66
CB AMO E . -1.91 -7.33 12.25
CG AMO E . -2.63 -8.48 12.92
OD1 AMO E . -3.80 -8.31 13.31
OD2 AMO E . -2.01 -9.55 13.09
C AMO E . 0.30 -6.25 11.76
O AMO E . 0.77 -5.20 12.19
O2' AMO E . -1.22 -3.20 4.05
#